data_1ZS2
#
_entry.id   1ZS2
#
_cell.length_a   95.741
_cell.length_b   116.358
_cell.length_c   61.051
_cell.angle_alpha   90.00
_cell.angle_beta   90.00
_cell.angle_gamma   90.00
#
_symmetry.space_group_name_H-M   'P 21 21 2'
#
loop_
_entity.id
_entity.type
_entity.pdbx_description
1 polymer amylosucrase
2 branched alpha-D-glucopyranose-(1-4)-alpha-D-glucopyranose-(1-4)-alpha-D-glucopyranose-(1-4)-alpha-D-glucopyranose
3 branched alpha-D-glucopyranose-(1-4)-alpha-D-glucopyranose-(1-4)-alpha-D-glucopyranose
4 branched beta-D-fructofuranose-(2-1)-alpha-D-glucopyranose
5 water water
#
_entity_poly.entity_id   1
_entity_poly.type   'polypeptide(L)'
_entity_poly.pdbx_seq_one_letter_code
;SPNSQYLKTRILDIYTPEQRAGIEKSEDWRQFSRRMDTHFPKLMNELDSVYGNNEALLPMLEMLLAQAWQSYSQRNSSLK
DIDIARENNPDWILSNKQVGGVCYVDLFAGDLKGLKDKIPYFQELGLTYLYLMPLFKCPEGKSDGGYAVSSYRDVNPALG
TIGDLREVIAALHEAGISAVVDFIFNHTSNEHEWAQRCAAGDPLFDNFYYIFPDRRMPDQYDRTLREIFPDQHPGGFSQL
EDGRWVWTTFNSFQWDLNYSNPWVFRAMAGEMLFLANLGVDILRMDAVAFIWKQMGTSCENLPQAHALIRAFNAVMRIAA
PAVFFKSQAIVHPDQVVQYIGQDECQIGYNPLQMALLWNTLATREVNLLHQALTYRHNLPEHTAWVNYVRSHDDIGWTFA
DEDAAYLGISGYDHRQFLNRFFVNRFDGSFARGVPFQYNPSTGDCRVSGTAAALVGLAQDDPHAVDRIKLLYSIALSTGG
LPLIYLGDEVGTLNDDDWSQDSNKSDDSRWAHRPRYNEALYAQRNDPSTAAGQIYQGLRHMIAVRQSNPRFDGGRLVTFN
TNNKHIIGYIRNNALLAFGNFSEYPQTVTAHTLQAMPFKAHDLIGGKTVSLNQDLTLQPYQVMWLEIA
;
_entity_poly.pdbx_strand_id   A
#
loop_
_chem_comp.id
_chem_comp.type
_chem_comp.name
_chem_comp.formula
FRU D-saccharide, beta linking beta-D-fructofuranose 'C6 H12 O6'
GLC D-saccharide, alpha linking alpha-D-glucopyranose 'C6 H12 O6'
#
# COMPACT_ATOMS: atom_id res chain seq x y z
N SER A 1 1.54 -30.83 -18.48
CA SER A 1 2.34 -29.96 -17.56
C SER A 1 3.24 -30.80 -16.66
N PRO A 2 4.53 -30.42 -16.56
CA PRO A 2 5.49 -31.16 -15.73
C PRO A 2 5.12 -31.10 -14.25
N ASN A 3 5.61 -32.06 -13.48
CA ASN A 3 5.32 -32.07 -12.06
C ASN A 3 6.55 -31.67 -11.26
N SER A 4 6.35 -31.45 -9.96
CA SER A 4 7.43 -31.04 -9.08
C SER A 4 8.63 -32.01 -9.01
N GLN A 5 8.34 -33.30 -8.84
CA GLN A 5 9.40 -34.30 -8.74
C GLN A 5 10.29 -34.29 -9.99
N TYR A 6 9.65 -34.16 -11.15
CA TYR A 6 10.37 -34.13 -12.42
C TYR A 6 11.28 -32.90 -12.56
N LEU A 7 10.70 -31.72 -12.38
CA LEU A 7 11.48 -30.49 -12.50
C LEU A 7 12.65 -30.43 -11.55
N LYS A 8 12.49 -31.01 -10.35
CA LYS A 8 13.56 -31.00 -9.38
C LYS A 8 14.76 -31.85 -9.83
N THR A 9 14.50 -32.99 -10.47
CA THR A 9 15.60 -33.83 -10.93
C THR A 9 16.44 -33.08 -11.94
N ARG A 10 15.80 -32.29 -12.78
CA ARG A 10 16.51 -31.52 -13.80
C ARG A 10 17.22 -30.32 -13.20
N ILE A 11 16.76 -29.86 -12.05
CA ILE A 11 17.41 -28.73 -11.38
C ILE A 11 18.78 -29.21 -10.90
N LEU A 12 18.81 -30.44 -10.41
CA LEU A 12 20.05 -31.02 -9.90
C LEU A 12 21.00 -31.50 -10.99
N ASP A 13 20.58 -31.40 -12.26
CA ASP A 13 21.43 -31.85 -13.37
C ASP A 13 22.69 -31.00 -13.56
N ILE A 14 22.71 -29.80 -12.99
CA ILE A 14 23.88 -28.94 -13.13
C ILE A 14 25.03 -29.50 -12.30
N TYR A 15 24.71 -30.35 -11.34
CA TYR A 15 25.73 -30.92 -10.47
C TYR A 15 26.29 -32.23 -10.98
N THR A 16 27.57 -32.46 -10.69
CA THR A 16 28.21 -33.69 -11.07
C THR A 16 27.68 -34.72 -10.09
N PRO A 17 27.76 -36.02 -10.44
CA PRO A 17 27.27 -37.07 -9.55
C PRO A 17 27.69 -36.89 -8.09
N GLU A 18 28.98 -36.66 -7.88
CA GLU A 18 29.51 -36.47 -6.54
C GLU A 18 28.82 -35.33 -5.80
N GLN A 19 28.73 -34.17 -6.46
CA GLN A 19 28.09 -33.01 -5.86
C GLN A 19 26.61 -33.26 -5.60
N ARG A 20 25.91 -33.75 -6.61
CA ARG A 20 24.48 -34.02 -6.51
C ARG A 20 24.12 -34.77 -5.25
N ALA A 21 24.82 -35.88 -5.00
CA ALA A 21 24.57 -36.69 -3.81
C ALA A 21 24.65 -35.82 -2.55
N GLY A 22 25.55 -34.84 -2.57
CA GLY A 22 25.71 -33.97 -1.43
C GLY A 22 24.58 -32.96 -1.28
N ILE A 23 24.12 -32.43 -2.41
CA ILE A 23 23.04 -31.47 -2.40
C ILE A 23 21.74 -32.12 -1.93
N GLU A 24 21.42 -33.29 -2.48
CA GLU A 24 20.18 -33.98 -2.14
C GLU A 24 19.96 -34.30 -0.67
N LYS A 25 21.03 -34.33 0.11
CA LYS A 25 20.86 -34.61 1.52
C LYS A 25 21.17 -33.40 2.40
N SER A 26 21.23 -32.24 1.79
CA SER A 26 21.50 -31.00 2.51
C SER A 26 20.18 -30.42 3.04
N GLU A 27 20.27 -29.67 4.12
CA GLU A 27 19.09 -29.06 4.73
C GLU A 27 18.36 -28.10 3.81
N ASP A 28 19.10 -27.24 3.11
CA ASP A 28 18.50 -26.28 2.22
C ASP A 28 17.65 -26.96 1.14
N TRP A 29 18.20 -27.99 0.51
CA TRP A 29 17.46 -28.70 -0.53
C TRP A 29 16.23 -29.37 0.05
N ARG A 30 16.37 -29.91 1.26
CA ARG A 30 15.27 -30.58 1.94
C ARG A 30 14.07 -29.63 2.11
N GLN A 31 14.35 -28.38 2.45
CA GLN A 31 13.31 -27.39 2.63
C GLN A 31 12.75 -26.99 1.27
N PHE A 32 13.64 -26.65 0.35
CA PHE A 32 13.26 -26.25 -1.00
C PHE A 32 12.38 -27.32 -1.63
N SER A 33 12.85 -28.57 -1.55
CA SER A 33 12.14 -29.70 -2.11
C SER A 33 10.73 -29.82 -1.53
N ARG A 34 10.63 -29.69 -0.21
CA ARG A 34 9.33 -29.77 0.46
C ARG A 34 8.40 -28.64 0.00
N ARG A 35 8.94 -27.43 -0.08
CA ARG A 35 8.15 -26.29 -0.50
C ARG A 35 7.74 -26.44 -1.96
N MET A 36 8.64 -26.98 -2.77
CA MET A 36 8.35 -27.20 -4.17
C MET A 36 7.10 -28.07 -4.31
N ASP A 37 7.08 -29.21 -3.60
CA ASP A 37 5.93 -30.11 -3.68
C ASP A 37 4.63 -29.46 -3.22
N THR A 38 4.71 -28.59 -2.23
CA THR A 38 3.54 -27.92 -1.69
C THR A 38 3.03 -26.75 -2.53
N HIS A 39 3.94 -25.95 -3.07
CA HIS A 39 3.53 -24.77 -3.81
C HIS A 39 3.69 -24.77 -5.32
N PHE A 40 4.50 -25.67 -5.86
CA PHE A 40 4.69 -25.69 -7.31
C PHE A 40 3.37 -25.84 -8.07
N PRO A 41 2.49 -26.75 -7.63
CA PRO A 41 1.20 -26.94 -8.31
C PRO A 41 0.48 -25.63 -8.58
N LYS A 42 0.49 -24.73 -7.60
CA LYS A 42 -0.15 -23.42 -7.75
C LYS A 42 0.58 -22.61 -8.80
N LEU A 43 1.90 -22.61 -8.74
CA LEU A 43 2.71 -21.87 -9.70
C LEU A 43 2.42 -22.33 -11.12
N MET A 44 2.42 -23.65 -11.32
CA MET A 44 2.18 -24.24 -12.63
C MET A 44 0.78 -23.88 -13.14
N ASN A 45 -0.21 -24.02 -12.27
CA ASN A 45 -1.59 -23.72 -12.63
C ASN A 45 -1.75 -22.26 -13.03
N GLU A 46 -1.25 -21.35 -12.19
CA GLU A 46 -1.38 -19.94 -12.52
C GLU A 46 -0.70 -19.60 -13.83
N LEU A 47 0.54 -20.07 -14.02
CA LEU A 47 1.25 -19.78 -15.26
C LEU A 47 0.54 -20.38 -16.46
N ASP A 48 -0.01 -21.58 -16.29
CA ASP A 48 -0.71 -22.23 -17.39
C ASP A 48 -1.97 -21.47 -17.79
N SER A 49 -2.69 -20.91 -16.82
CA SER A 49 -3.90 -20.18 -17.13
C SER A 49 -3.58 -18.87 -17.87
N VAL A 50 -2.34 -18.43 -17.79
CA VAL A 50 -1.95 -17.20 -18.46
C VAL A 50 -1.28 -17.44 -19.82
N TYR A 51 -0.27 -18.31 -19.82
CA TYR A 51 0.47 -18.60 -21.05
C TYR A 51 -0.03 -19.78 -21.86
N GLY A 52 -0.81 -20.65 -21.22
CA GLY A 52 -1.34 -21.81 -21.91
C GLY A 52 -0.26 -22.67 -22.53
N ASN A 53 -0.41 -22.98 -23.81
CA ASN A 53 0.54 -23.84 -24.52
C ASN A 53 1.74 -23.12 -25.14
N ASN A 54 2.02 -21.90 -24.69
CA ASN A 54 3.14 -21.15 -25.21
C ASN A 54 4.40 -22.01 -25.18
N GLU A 55 5.08 -22.13 -26.31
CA GLU A 55 6.28 -22.95 -26.33
C GLU A 55 7.34 -22.50 -25.34
N ALA A 56 7.37 -21.21 -25.03
CA ALA A 56 8.36 -20.68 -24.09
C ALA A 56 8.08 -20.95 -22.62
N LEU A 57 6.85 -21.33 -22.29
CA LEU A 57 6.49 -21.59 -20.90
C LEU A 57 7.41 -22.56 -20.14
N LEU A 58 7.54 -23.79 -20.63
CA LEU A 58 8.38 -24.79 -19.97
C LEU A 58 9.85 -24.32 -19.82
N PRO A 59 10.46 -23.82 -20.90
CA PRO A 59 11.86 -23.36 -20.82
C PRO A 59 11.99 -22.23 -19.79
N MET A 60 11.01 -21.34 -19.77
CA MET A 60 11.02 -20.22 -18.85
C MET A 60 10.91 -20.72 -17.41
N LEU A 61 9.95 -21.61 -17.18
CA LEU A 61 9.72 -22.17 -15.87
C LEU A 61 10.96 -22.87 -15.31
N GLU A 62 11.58 -23.73 -16.10
CA GLU A 62 12.76 -24.44 -15.63
C GLU A 62 13.88 -23.46 -15.30
N MET A 63 14.04 -22.43 -16.12
CA MET A 63 15.08 -21.44 -15.86
C MET A 63 14.74 -20.72 -14.56
N LEU A 64 13.47 -20.41 -14.37
CA LEU A 64 13.03 -19.72 -13.16
C LEU A 64 13.26 -20.58 -11.92
N LEU A 65 12.95 -21.86 -12.00
CA LEU A 65 13.13 -22.74 -10.85
C LEU A 65 14.61 -22.95 -10.50
N ALA A 66 15.46 -23.00 -11.52
CA ALA A 66 16.89 -23.19 -11.30
C ALA A 66 17.45 -22.00 -10.51
N GLN A 67 17.10 -20.78 -10.93
CA GLN A 67 17.60 -19.61 -10.24
C GLN A 67 16.88 -19.44 -8.90
N ALA A 68 15.71 -20.03 -8.77
CA ALA A 68 14.98 -19.96 -7.52
C ALA A 68 15.74 -20.81 -6.51
N TRP A 69 16.25 -21.96 -6.96
CA TRP A 69 17.03 -22.84 -6.08
C TRP A 69 18.31 -22.13 -5.66
N GLN A 70 19.01 -21.54 -6.62
CA GLN A 70 20.25 -20.84 -6.30
C GLN A 70 19.95 -19.74 -5.31
N SER A 71 18.91 -18.96 -5.58
CA SER A 71 18.53 -17.88 -4.68
C SER A 71 18.32 -18.38 -3.26
N TYR A 72 17.52 -19.42 -3.11
CA TYR A 72 17.29 -19.93 -1.77
C TYR A 72 18.55 -20.48 -1.14
N SER A 73 19.43 -21.06 -1.95
CA SER A 73 20.66 -21.61 -1.43
C SER A 73 21.57 -20.48 -0.92
N GLN A 74 21.59 -19.37 -1.64
CA GLN A 74 22.40 -18.21 -1.25
C GLN A 74 21.79 -17.44 -0.09
N ARG A 75 20.46 -17.49 0.02
CA ARG A 75 19.73 -16.78 1.07
C ARG A 75 20.36 -16.92 2.45
N ASN A 76 20.52 -15.80 3.15
CA ASN A 76 21.08 -15.79 4.50
C ASN A 76 20.33 -16.66 5.50
N SER A 77 21.07 -17.39 6.33
CA SER A 77 20.51 -18.27 7.34
C SER A 77 19.45 -17.62 8.22
N SER A 78 19.73 -16.41 8.70
CA SER A 78 18.78 -15.69 9.54
C SER A 78 17.45 -15.50 8.83
N LEU A 79 17.51 -15.18 7.53
CA LEU A 79 16.30 -14.98 6.75
C LEU A 79 15.55 -16.29 6.61
N LYS A 80 16.29 -17.40 6.57
CA LYS A 80 15.70 -18.72 6.46
C LYS A 80 14.96 -19.07 7.74
N ASP A 81 15.41 -18.51 8.86
CA ASP A 81 14.74 -18.74 10.13
C ASP A 81 13.43 -17.96 10.10
N ILE A 82 13.48 -16.75 9.56
CA ILE A 82 12.27 -15.94 9.47
C ILE A 82 11.28 -16.64 8.55
N ASP A 83 11.81 -17.34 7.55
CA ASP A 83 10.97 -18.07 6.59
C ASP A 83 10.15 -19.11 7.34
N ILE A 84 10.82 -19.93 8.16
CA ILE A 84 10.14 -20.96 8.94
C ILE A 84 9.10 -20.37 9.88
N ALA A 85 9.41 -19.23 10.48
CA ALA A 85 8.50 -18.57 11.41
C ALA A 85 7.26 -18.10 10.66
N ARG A 86 7.46 -17.34 9.60
CA ARG A 86 6.35 -16.84 8.80
C ARG A 86 5.49 -18.02 8.34
N GLU A 87 6.15 -19.08 7.90
CA GLU A 87 5.46 -20.28 7.43
C GLU A 87 4.47 -20.82 8.46
N ASN A 88 4.87 -20.81 9.73
CA ASN A 88 4.02 -21.34 10.79
C ASN A 88 3.19 -20.26 11.48
N ASN A 89 3.34 -19.02 11.07
CA ASN A 89 2.59 -17.93 11.66
C ASN A 89 2.12 -16.96 10.58
N PRO A 90 1.20 -17.42 9.72
CA PRO A 90 0.67 -16.61 8.62
C PRO A 90 -0.10 -15.36 9.05
N ASP A 91 -0.66 -15.37 10.25
CA ASP A 91 -1.43 -14.23 10.72
C ASP A 91 -0.64 -13.16 11.46
N TRP A 92 0.68 -13.20 11.35
CA TRP A 92 1.50 -12.20 12.03
C TRP A 92 1.09 -10.81 11.54
N ILE A 93 0.60 -10.72 10.31
CA ILE A 93 0.17 -9.45 9.74
C ILE A 93 -1.12 -8.95 10.39
N LEU A 94 -1.82 -9.86 11.06
CA LEU A 94 -3.08 -9.54 11.72
C LEU A 94 -2.94 -9.13 13.18
N SER A 95 -1.74 -9.25 13.73
CA SER A 95 -1.50 -8.91 15.13
C SER A 95 -1.69 -7.42 15.46
N ASN A 96 -2.35 -7.15 16.58
CA ASN A 96 -2.58 -5.77 17.01
C ASN A 96 -1.27 -5.10 17.37
N LYS A 97 -0.23 -5.91 17.54
CA LYS A 97 1.10 -5.42 17.90
C LYS A 97 1.79 -4.70 16.75
N GLN A 98 1.28 -4.89 15.53
CA GLN A 98 1.88 -4.25 14.37
C GLN A 98 1.37 -2.84 14.13
N VAL A 99 2.32 -1.93 13.92
CA VAL A 99 2.03 -0.53 13.63
C VAL A 99 3.13 -0.11 12.67
N GLY A 100 2.75 0.31 11.47
CA GLY A 100 3.76 0.69 10.50
C GLY A 100 3.88 2.17 10.22
N GLY A 101 4.99 2.53 9.61
CA GLY A 101 5.25 3.91 9.24
C GLY A 101 5.85 3.91 7.84
N VAL A 102 5.73 5.02 7.14
CA VAL A 102 6.27 5.14 5.79
C VAL A 102 6.89 6.51 5.60
N CYS A 103 8.01 6.57 4.88
CA CYS A 103 8.68 7.83 4.62
C CYS A 103 9.63 7.75 3.43
N TYR A 104 10.00 8.92 2.91
CA TYR A 104 10.96 8.98 1.83
C TYR A 104 12.28 9.15 2.56
N VAL A 105 13.25 8.30 2.26
CA VAL A 105 14.55 8.37 2.91
C VAL A 105 15.17 9.77 2.76
N ASP A 106 15.19 10.30 1.54
CA ASP A 106 15.80 11.60 1.31
C ASP A 106 15.06 12.72 2.04
N LEU A 107 13.75 12.78 1.88
CA LEU A 107 12.96 13.82 2.53
C LEU A 107 12.92 13.70 4.05
N PHE A 108 12.82 12.47 4.55
CA PHE A 108 12.74 12.26 5.99
C PHE A 108 14.08 12.21 6.73
N ALA A 109 15.09 11.61 6.11
CA ALA A 109 16.38 11.49 6.78
C ALA A 109 17.61 11.83 5.95
N GLY A 110 17.42 12.45 4.78
CA GLY A 110 18.57 12.78 3.95
C GLY A 110 19.05 11.61 3.11
N ASP A 111 19.60 10.58 3.76
CA ASP A 111 20.07 9.40 3.05
C ASP A 111 19.92 8.14 3.91
N LEU A 112 20.27 6.99 3.35
CA LEU A 112 20.15 5.73 4.06
C LEU A 112 20.87 5.72 5.41
N LYS A 113 22.09 6.25 5.46
CA LYS A 113 22.82 6.30 6.72
C LYS A 113 22.04 7.17 7.69
N GLY A 114 21.48 8.26 7.19
CA GLY A 114 20.70 9.15 8.03
C GLY A 114 19.44 8.46 8.51
N LEU A 115 18.88 7.58 7.69
CA LEU A 115 17.67 6.84 8.05
C LEU A 115 18.01 5.89 9.19
N LYS A 116 19.20 5.29 9.12
CA LYS A 116 19.63 4.35 10.14
C LYS A 116 19.66 5.03 11.51
N ASP A 117 20.01 6.31 11.53
CA ASP A 117 20.06 7.04 12.79
C ASP A 117 18.66 7.39 13.30
N LYS A 118 17.67 7.25 12.43
CA LYS A 118 16.28 7.54 12.80
C LYS A 118 15.59 6.36 13.47
N ILE A 119 16.20 5.18 13.40
CA ILE A 119 15.59 3.99 14.00
C ILE A 119 15.18 4.16 15.45
N PRO A 120 16.01 4.83 16.27
CA PRO A 120 15.61 5.00 17.66
C PRO A 120 14.24 5.69 17.76
N TYR A 121 14.04 6.72 16.96
CA TYR A 121 12.75 7.41 16.97
C TYR A 121 11.65 6.43 16.57
N PHE A 122 11.91 5.64 15.53
CA PHE A 122 10.92 4.67 15.06
C PHE A 122 10.53 3.72 16.20
N GLN A 123 11.50 3.34 17.03
CA GLN A 123 11.19 2.46 18.17
C GLN A 123 10.45 3.29 19.22
N GLU A 124 10.83 4.55 19.33
CA GLU A 124 10.20 5.47 20.29
C GLU A 124 8.71 5.57 19.96
N LEU A 125 8.42 5.72 18.67
CA LEU A 125 7.05 5.83 18.18
C LEU A 125 6.28 4.52 18.34
N GLY A 126 7.00 3.41 18.28
CA GLY A 126 6.38 2.10 18.42
C GLY A 126 6.25 1.29 17.14
N LEU A 127 6.92 1.75 16.09
CA LEU A 127 6.85 1.06 14.79
C LEU A 127 7.41 -0.35 14.81
N THR A 128 6.78 -1.23 14.04
CA THR A 128 7.20 -2.62 13.92
C THR A 128 7.24 -2.91 12.42
N TYR A 129 6.95 -1.88 11.64
CA TYR A 129 6.87 -1.98 10.18
C TYR A 129 7.27 -0.62 9.60
N LEU A 130 8.28 -0.61 8.75
CA LEU A 130 8.74 0.63 8.14
C LEU A 130 8.82 0.46 6.64
N TYR A 131 8.02 1.27 5.93
CA TYR A 131 8.00 1.22 4.47
C TYR A 131 8.77 2.41 3.91
N LEU A 132 9.75 2.11 3.05
CA LEU A 132 10.58 3.15 2.45
C LEU A 132 10.22 3.32 0.98
N MET A 133 9.99 4.57 0.57
CA MET A 133 9.63 4.90 -0.80
C MET A 133 10.76 4.55 -1.78
N PRO A 134 10.44 4.40 -3.08
CA PRO A 134 11.40 4.07 -4.13
C PRO A 134 12.84 4.51 -3.84
N LEU A 135 13.71 3.52 -3.66
CA LEU A 135 15.11 3.75 -3.31
C LEU A 135 16.11 3.50 -4.42
N PHE A 136 15.68 2.93 -5.54
CA PHE A 136 16.62 2.61 -6.61
C PHE A 136 16.80 3.61 -7.74
N LYS A 137 17.85 3.39 -8.52
CA LYS A 137 18.19 4.25 -9.66
C LYS A 137 16.96 4.61 -10.49
N CYS A 138 16.85 5.89 -10.83
CA CYS A 138 15.74 6.40 -11.62
C CYS A 138 16.22 7.63 -12.38
N PRO A 139 15.47 8.06 -13.41
CA PRO A 139 15.85 9.23 -14.20
C PRO A 139 16.11 10.48 -13.36
N GLU A 140 17.08 11.28 -13.78
CA GLU A 140 17.40 12.51 -13.06
C GLU A 140 16.29 13.51 -13.35
N GLY A 141 15.98 14.35 -12.38
CA GLY A 141 14.93 15.34 -12.57
C GLY A 141 13.56 14.77 -12.30
N LYS A 142 12.85 14.39 -13.35
CA LYS A 142 11.51 13.81 -13.21
C LYS A 142 11.54 12.30 -13.26
N SER A 143 11.15 11.66 -12.16
CA SER A 143 11.13 10.21 -12.08
C SER A 143 9.87 9.73 -11.34
N ASP A 144 8.87 10.61 -11.25
CA ASP A 144 7.64 10.30 -10.55
C ASP A 144 8.01 9.88 -9.14
N GLY A 145 8.81 10.73 -8.48
CA GLY A 145 9.23 10.46 -7.12
C GLY A 145 9.83 9.07 -6.98
N GLY A 146 10.62 8.65 -7.96
CA GLY A 146 11.26 7.35 -7.91
C GLY A 146 10.47 6.18 -8.49
N TYR A 147 9.23 6.40 -8.92
CA TYR A 147 8.44 5.31 -9.49
C TYR A 147 8.75 4.97 -10.95
N ALA A 148 9.74 5.64 -11.51
CA ALA A 148 10.18 5.38 -12.87
C ALA A 148 11.55 4.74 -12.60
N VAL A 149 11.56 3.42 -12.45
CA VAL A 149 12.77 2.67 -12.14
C VAL A 149 13.70 2.39 -13.33
N SER A 150 14.98 2.70 -13.14
CA SER A 150 16.00 2.47 -14.17
C SER A 150 16.81 1.23 -13.82
N SER A 151 16.60 0.72 -12.61
CA SER A 151 17.28 -0.47 -12.13
C SER A 151 16.64 -0.92 -10.83
N TYR A 152 16.42 -2.22 -10.69
CA TYR A 152 15.82 -2.74 -9.46
C TYR A 152 16.90 -3.19 -8.47
N ARG A 153 18.16 -3.03 -8.84
CA ARG A 153 19.25 -3.47 -7.96
C ARG A 153 20.28 -2.42 -7.56
N ASP A 154 20.34 -1.32 -8.31
CA ASP A 154 21.30 -0.26 -8.00
C ASP A 154 20.63 0.90 -7.28
N VAL A 155 20.95 1.03 -5.99
CA VAL A 155 20.40 2.10 -5.16
C VAL A 155 20.64 3.48 -5.75
N ASN A 156 19.70 4.40 -5.51
CA ASN A 156 19.82 5.77 -5.99
C ASN A 156 21.06 6.34 -5.30
N PRO A 157 22.04 6.80 -6.09
CA PRO A 157 23.28 7.36 -5.55
C PRO A 157 23.04 8.38 -4.44
N ALA A 158 22.04 9.23 -4.62
CA ALA A 158 21.73 10.26 -3.64
C ALA A 158 21.35 9.69 -2.27
N LEU A 159 20.93 8.44 -2.24
CA LEU A 159 20.52 7.81 -0.98
C LEU A 159 21.62 6.93 -0.40
N GLY A 160 22.53 6.48 -1.24
CA GLY A 160 23.60 5.63 -0.77
C GLY A 160 23.88 4.46 -1.70
N THR A 161 24.40 3.38 -1.13
CA THR A 161 24.72 2.19 -1.91
C THR A 161 23.87 1.00 -1.48
N ILE A 162 23.92 -0.07 -2.26
CA ILE A 162 23.16 -1.27 -1.93
C ILE A 162 23.65 -1.77 -0.58
N GLY A 163 24.91 -1.48 -0.28
CA GLY A 163 25.49 -1.89 0.99
C GLY A 163 24.80 -1.20 2.16
N ASP A 164 24.54 0.10 2.01
CA ASP A 164 23.87 0.86 3.05
C ASP A 164 22.48 0.29 3.27
N LEU A 165 21.83 -0.06 2.15
CA LEU A 165 20.48 -0.60 2.21
C LEU A 165 20.46 -1.92 2.99
N ARG A 166 21.45 -2.77 2.73
CA ARG A 166 21.52 -4.05 3.41
C ARG A 166 21.77 -3.79 4.91
N GLU A 167 22.52 -2.74 5.23
CA GLU A 167 22.78 -2.40 6.62
C GLU A 167 21.52 -1.88 7.30
N VAL A 168 20.78 -1.03 6.60
CA VAL A 168 19.54 -0.47 7.13
C VAL A 168 18.56 -1.59 7.47
N ILE A 169 18.37 -2.50 6.53
CA ILE A 169 17.45 -3.62 6.73
C ILE A 169 17.83 -4.44 7.95
N ALA A 170 19.13 -4.71 8.11
CA ALA A 170 19.60 -5.49 9.24
C ALA A 170 19.37 -4.73 10.54
N ALA A 171 19.67 -3.44 10.53
CA ALA A 171 19.48 -2.61 11.72
C ALA A 171 17.99 -2.59 12.07
N LEU A 172 17.14 -2.46 11.06
CA LEU A 172 15.69 -2.45 11.28
C LEU A 172 15.26 -3.77 11.91
N HIS A 173 15.79 -4.87 11.39
CA HIS A 173 15.46 -6.20 11.91
C HIS A 173 15.98 -6.35 13.35
N GLU A 174 17.06 -5.65 13.65
CA GLU A 174 17.65 -5.70 14.98
C GLU A 174 16.76 -4.92 15.93
N ALA A 175 16.11 -3.87 15.41
CA ALA A 175 15.22 -3.04 16.21
C ALA A 175 13.81 -3.60 16.28
N GLY A 176 13.61 -4.80 15.73
CA GLY A 176 12.30 -5.39 15.74
C GLY A 176 11.34 -4.74 14.77
N ILE A 177 11.86 -4.35 13.62
CA ILE A 177 11.05 -3.69 12.60
C ILE A 177 11.20 -4.38 11.24
N SER A 178 10.07 -4.70 10.61
CA SER A 178 10.10 -5.35 9.30
C SER A 178 10.40 -4.31 8.23
N ALA A 179 11.14 -4.71 7.19
CA ALA A 179 11.49 -3.80 6.11
C ALA A 179 10.53 -3.96 4.94
N VAL A 180 9.97 -2.84 4.51
CA VAL A 180 8.99 -2.82 3.42
C VAL A 180 9.39 -1.83 2.33
N VAL A 181 9.45 -2.32 1.09
CA VAL A 181 9.80 -1.46 -0.04
C VAL A 181 8.94 -1.80 -1.24
N ASP A 182 8.99 -0.94 -2.26
CA ASP A 182 8.21 -1.14 -3.48
C ASP A 182 8.78 -2.18 -4.43
N PHE A 183 7.89 -2.77 -5.20
CA PHE A 183 8.28 -3.69 -6.26
C PHE A 183 7.42 -3.15 -7.40
N ILE A 184 7.95 -2.13 -8.06
CA ILE A 184 7.25 -1.47 -9.14
C ILE A 184 7.36 -2.41 -10.34
N PHE A 185 6.52 -3.44 -10.32
CA PHE A 185 6.56 -4.46 -11.35
C PHE A 185 5.71 -4.26 -12.59
N ASN A 186 4.95 -3.17 -12.66
CA ASN A 186 4.13 -2.95 -13.84
C ASN A 186 4.82 -2.13 -14.91
N HIS A 187 5.86 -1.40 -14.53
CA HIS A 187 6.56 -0.56 -15.47
C HIS A 187 7.96 -0.19 -15.00
N THR A 188 8.79 0.24 -15.95
CA THR A 188 10.15 0.69 -15.66
C THR A 188 10.30 2.05 -16.33
N SER A 189 11.35 2.78 -15.98
CA SER A 189 11.57 4.08 -16.61
C SER A 189 11.97 3.80 -18.06
N ASN A 190 11.93 4.82 -18.90
CA ASN A 190 12.31 4.65 -20.29
C ASN A 190 13.83 4.63 -20.42
N GLU A 191 14.51 4.77 -19.28
CA GLU A 191 15.97 4.76 -19.25
C GLU A 191 16.49 3.42 -18.73
N HIS A 192 15.58 2.53 -18.37
CA HIS A 192 15.97 1.22 -17.88
C HIS A 192 16.61 0.47 -19.06
N GLU A 193 17.70 -0.24 -18.80
CA GLU A 193 18.38 -0.98 -19.86
C GLU A 193 17.43 -1.83 -20.69
N TRP A 194 16.52 -2.54 -20.04
CA TRP A 194 15.56 -3.37 -20.76
C TRP A 194 14.81 -2.52 -21.79
N ALA A 195 14.39 -1.34 -21.37
CA ALA A 195 13.64 -0.43 -22.24
C ALA A 195 14.49 0.04 -23.42
N GLN A 196 15.74 0.41 -23.14
CA GLN A 196 16.65 0.87 -24.18
C GLN A 196 16.92 -0.21 -25.21
N ARG A 197 17.29 -1.40 -24.75
CA ARG A 197 17.58 -2.51 -25.64
C ARG A 197 16.34 -2.98 -26.40
N CYS A 198 15.18 -2.94 -25.75
CA CYS A 198 13.96 -3.36 -26.43
C CYS A 198 13.65 -2.42 -27.59
N ALA A 199 13.59 -1.12 -27.30
CA ALA A 199 13.30 -0.12 -28.31
C ALA A 199 14.37 -0.09 -29.41
N ALA A 200 15.59 -0.49 -29.07
CA ALA A 200 16.70 -0.50 -30.03
C ALA A 200 16.63 -1.70 -30.98
N GLY A 201 15.80 -2.68 -30.64
CA GLY A 201 15.68 -3.85 -31.49
C GLY A 201 16.49 -5.05 -31.04
N ASP A 202 17.10 -4.96 -29.87
CA ASP A 202 17.88 -6.08 -29.34
C ASP A 202 16.91 -7.27 -29.23
N PRO A 203 17.18 -8.35 -29.98
CA PRO A 203 16.31 -9.53 -29.94
C PRO A 203 16.14 -10.16 -28.55
N LEU A 204 17.08 -9.90 -27.65
CA LEU A 204 17.00 -10.45 -26.32
C LEU A 204 15.88 -9.80 -25.52
N PHE A 205 15.54 -8.57 -25.88
CA PHE A 205 14.47 -7.87 -25.17
C PHE A 205 13.30 -7.54 -26.05
N ASP A 206 13.11 -8.36 -27.07
CA ASP A 206 12.00 -8.18 -27.98
C ASP A 206 10.70 -8.38 -27.21
N ASN A 207 9.72 -7.52 -27.49
CA ASN A 207 8.43 -7.61 -26.84
C ASN A 207 8.46 -7.55 -25.32
N PHE A 208 9.37 -6.75 -24.77
CA PHE A 208 9.45 -6.61 -23.32
C PHE A 208 8.49 -5.51 -22.88
N TYR A 209 8.00 -4.74 -23.86
CA TYR A 209 7.05 -3.66 -23.63
C TYR A 209 6.05 -3.71 -24.78
N TYR A 210 5.10 -2.78 -24.80
CA TYR A 210 4.11 -2.74 -25.87
C TYR A 210 4.42 -1.55 -26.77
N ILE A 211 5.04 -1.82 -27.91
CA ILE A 211 5.40 -0.77 -28.86
C ILE A 211 4.62 -0.99 -30.13
N PHE A 212 4.04 0.08 -30.65
CA PHE A 212 3.24 0.05 -31.86
C PHE A 212 3.80 0.99 -32.92
N PRO A 213 3.61 0.65 -34.20
CA PRO A 213 4.12 1.47 -35.31
C PRO A 213 3.42 2.81 -35.47
N ASP A 214 2.14 2.85 -35.12
CA ASP A 214 1.36 4.07 -35.26
C ASP A 214 0.20 4.09 -34.27
N ARG A 215 -0.78 4.96 -34.52
CA ARG A 215 -1.94 5.10 -33.64
C ARG A 215 -3.11 4.14 -33.83
N ARG A 216 -3.03 3.25 -34.83
CA ARG A 216 -4.14 2.33 -35.07
C ARG A 216 -4.60 1.59 -33.82
N MET A 217 -3.72 0.82 -33.20
CA MET A 217 -4.12 0.08 -32.00
C MET A 217 -4.24 0.98 -30.77
N PRO A 218 -3.29 1.92 -30.60
CA PRO A 218 -3.39 2.81 -29.44
C PRO A 218 -4.77 3.47 -29.41
N ASP A 219 -5.23 3.90 -30.58
CA ASP A 219 -6.54 4.53 -30.70
C ASP A 219 -7.65 3.56 -30.31
N GLN A 220 -7.52 2.30 -30.74
CA GLN A 220 -8.52 1.29 -30.40
C GLN A 220 -8.49 1.05 -28.90
N TYR A 221 -7.29 0.92 -28.34
CA TYR A 221 -7.14 0.70 -26.92
C TYR A 221 -7.70 1.86 -26.11
N ASP A 222 -7.37 3.09 -26.52
CA ASP A 222 -7.81 4.28 -25.81
C ASP A 222 -9.32 4.45 -25.69
N ARG A 223 -10.08 3.67 -26.45
CA ARG A 223 -11.53 3.75 -26.38
C ARG A 223 -12.03 3.34 -25.00
N THR A 224 -11.30 2.43 -24.35
CA THR A 224 -11.73 1.96 -23.04
C THR A 224 -10.70 2.11 -21.92
N LEU A 225 -9.66 2.91 -22.16
CA LEU A 225 -8.65 3.10 -21.13
C LEU A 225 -8.94 4.31 -20.25
N ARG A 226 -8.71 4.15 -18.95
CA ARG A 226 -8.92 5.23 -18.00
C ARG A 226 -7.62 6.04 -18.01
N GLU A 227 -7.73 7.35 -17.85
CA GLU A 227 -6.55 8.21 -17.84
C GLU A 227 -6.08 8.44 -16.41
N ILE A 228 -4.85 8.05 -16.11
CA ILE A 228 -4.29 8.20 -14.77
C ILE A 228 -3.76 9.61 -14.54
N PHE A 229 -2.94 10.09 -15.47
CA PHE A 229 -2.39 11.43 -15.39
C PHE A 229 -2.79 12.19 -16.65
N PRO A 230 -4.08 12.47 -16.82
CA PRO A 230 -4.54 13.19 -18.02
C PRO A 230 -3.76 14.48 -18.30
N ASP A 231 -3.07 14.99 -17.28
CA ASP A 231 -2.26 16.20 -17.39
C ASP A 231 -1.02 15.93 -18.24
N GLN A 232 -0.50 14.71 -18.15
CA GLN A 232 0.70 14.35 -18.91
C GLN A 232 0.44 14.00 -20.36
N HIS A 233 -0.58 13.20 -20.60
CA HIS A 233 -0.90 12.80 -21.97
C HIS A 233 -2.27 12.13 -21.99
N PRO A 234 -2.94 12.14 -23.14
CA PRO A 234 -4.24 11.50 -23.21
C PRO A 234 -4.06 9.99 -23.33
N GLY A 235 -5.15 9.24 -23.14
CA GLY A 235 -5.08 7.80 -23.25
C GLY A 235 -3.95 7.13 -22.50
N GLY A 236 -3.51 5.98 -22.99
CA GLY A 236 -2.44 5.26 -22.33
C GLY A 236 -1.17 5.06 -23.14
N PHE A 237 -0.91 5.95 -24.09
CA PHE A 237 0.28 5.83 -24.91
C PHE A 237 1.07 7.12 -25.09
N SER A 238 2.37 6.95 -25.34
CA SER A 238 3.27 8.08 -25.56
C SER A 238 4.08 7.76 -26.81
N GLN A 239 4.36 8.79 -27.60
CA GLN A 239 5.10 8.58 -28.83
C GLN A 239 6.60 8.72 -28.66
N LEU A 240 7.33 7.79 -29.27
CA LEU A 240 8.79 7.80 -29.22
C LEU A 240 9.29 8.77 -30.28
N GLU A 241 10.49 9.29 -30.08
CA GLU A 241 11.07 10.23 -31.03
C GLU A 241 11.12 9.67 -32.44
N ASP A 242 11.12 8.35 -32.59
CA ASP A 242 11.16 7.74 -33.91
C ASP A 242 9.78 7.57 -34.55
N GLY A 243 8.75 8.08 -33.88
CA GLY A 243 7.40 7.97 -34.43
C GLY A 243 6.54 6.87 -33.86
N ARG A 244 7.17 5.83 -33.31
CA ARG A 244 6.44 4.71 -32.72
C ARG A 244 5.74 5.12 -31.43
N TRP A 245 4.81 4.29 -30.97
CA TRP A 245 4.09 4.58 -29.73
C TRP A 245 4.26 3.44 -28.73
N VAL A 246 4.45 3.80 -27.47
CA VAL A 246 4.63 2.84 -26.40
C VAL A 246 3.53 3.00 -25.36
N TRP A 247 3.15 1.88 -24.75
CA TRP A 247 2.12 1.88 -23.72
C TRP A 247 2.67 2.51 -22.45
N THR A 248 2.07 3.62 -22.03
CA THR A 248 2.50 4.32 -20.83
C THR A 248 1.30 4.74 -19.98
N THR A 249 0.81 3.80 -19.18
CA THR A 249 -0.33 4.04 -18.30
C THR A 249 -0.13 5.31 -17.49
N PHE A 250 1.09 5.54 -17.05
CA PHE A 250 1.41 6.68 -16.21
C PHE A 250 2.18 7.77 -16.96
N ASN A 251 3.32 8.20 -16.44
CA ASN A 251 4.09 9.23 -17.13
C ASN A 251 4.71 8.65 -18.40
N SER A 252 5.02 9.52 -19.36
CA SER A 252 5.62 9.11 -20.62
C SER A 252 6.96 8.44 -20.41
N PHE A 253 7.60 8.68 -19.28
CA PHE A 253 8.89 8.06 -19.02
C PHE A 253 8.77 6.77 -18.22
N GLN A 254 7.54 6.26 -18.13
CA GLN A 254 7.27 5.00 -17.46
C GLN A 254 6.60 4.08 -18.49
N TRP A 255 7.34 3.05 -18.91
CA TRP A 255 6.86 2.10 -19.90
C TRP A 255 6.32 0.83 -19.26
N ASP A 256 5.10 0.45 -19.62
CA ASP A 256 4.47 -0.75 -19.08
C ASP A 256 5.17 -2.03 -19.54
N LEU A 257 5.63 -2.84 -18.59
CA LEU A 257 6.27 -4.11 -18.91
C LEU A 257 5.24 -5.01 -19.59
N ASN A 258 5.69 -5.82 -20.54
CA ASN A 258 4.80 -6.71 -21.28
C ASN A 258 4.75 -8.14 -20.72
N TYR A 259 3.87 -8.34 -19.76
CA TYR A 259 3.72 -9.65 -19.14
C TYR A 259 3.09 -10.73 -20.04
N SER A 260 2.69 -10.37 -21.25
CA SER A 260 2.13 -11.38 -22.14
C SER A 260 3.29 -12.22 -22.65
N ASN A 261 4.50 -11.75 -22.38
CA ASN A 261 5.74 -12.43 -22.76
C ASN A 261 6.24 -13.10 -21.47
N PRO A 262 6.23 -14.45 -21.43
CA PRO A 262 6.67 -15.18 -20.24
C PRO A 262 8.09 -14.81 -19.77
N TRP A 263 8.96 -14.41 -20.68
CA TRP A 263 10.31 -14.03 -20.31
C TRP A 263 10.32 -12.78 -19.42
N VAL A 264 9.27 -11.97 -19.55
CA VAL A 264 9.16 -10.77 -18.72
C VAL A 264 8.85 -11.19 -17.28
N PHE A 265 8.01 -12.21 -17.13
CA PHE A 265 7.66 -12.71 -15.81
C PHE A 265 8.93 -13.26 -15.14
N ARG A 266 9.63 -14.10 -15.88
CA ARG A 266 10.87 -14.70 -15.40
C ARG A 266 11.84 -13.60 -14.95
N ALA A 267 12.01 -12.61 -15.81
CA ALA A 267 12.91 -11.49 -15.51
C ALA A 267 12.50 -10.80 -14.20
N MET A 268 11.23 -10.44 -14.09
CA MET A 268 10.75 -9.78 -12.88
C MET A 268 10.84 -10.68 -11.66
N ALA A 269 10.66 -11.98 -11.85
CA ALA A 269 10.76 -12.92 -10.74
C ALA A 269 12.22 -12.87 -10.27
N GLY A 270 13.14 -12.74 -11.22
CA GLY A 270 14.56 -12.68 -10.88
C GLY A 270 14.82 -11.47 -10.00
N GLU A 271 14.25 -10.33 -10.38
CA GLU A 271 14.43 -9.11 -9.62
C GLU A 271 13.79 -9.28 -8.25
N MET A 272 12.66 -9.98 -8.21
CA MET A 272 11.95 -10.20 -6.95
C MET A 272 12.79 -11.00 -5.97
N LEU A 273 13.47 -12.03 -6.46
CA LEU A 273 14.31 -12.87 -5.62
C LEU A 273 15.50 -12.08 -5.07
N PHE A 274 15.98 -11.12 -5.87
CA PHE A 274 17.08 -10.26 -5.45
C PHE A 274 16.66 -9.45 -4.23
N LEU A 275 15.50 -8.82 -4.33
CA LEU A 275 14.98 -8.00 -3.23
C LEU A 275 14.71 -8.90 -2.03
N ALA A 276 14.19 -10.09 -2.29
CA ALA A 276 13.90 -11.04 -1.23
C ALA A 276 15.14 -11.34 -0.41
N ASN A 277 16.26 -11.60 -1.09
CA ASN A 277 17.48 -11.92 -0.38
C ASN A 277 18.17 -10.74 0.31
N LEU A 278 17.62 -9.54 0.15
CA LEU A 278 18.18 -8.38 0.83
C LEU A 278 17.60 -8.39 2.23
N GLY A 279 16.55 -9.19 2.40
CA GLY A 279 15.90 -9.28 3.70
C GLY A 279 14.59 -8.52 3.79
N VAL A 280 14.09 -8.07 2.65
CA VAL A 280 12.82 -7.34 2.61
C VAL A 280 11.73 -8.26 3.15
N ASP A 281 10.85 -7.72 3.97
CA ASP A 281 9.76 -8.50 4.55
C ASP A 281 8.50 -8.43 3.70
N ILE A 282 8.20 -7.23 3.21
CA ILE A 282 7.03 -7.02 2.39
C ILE A 282 7.32 -6.17 1.17
N LEU A 283 6.80 -6.60 0.03
CA LEU A 283 6.96 -5.89 -1.23
C LEU A 283 5.64 -5.22 -1.58
N ARG A 284 5.67 -3.92 -1.82
CA ARG A 284 4.47 -3.19 -2.20
C ARG A 284 4.34 -3.38 -3.71
N MET A 285 3.38 -4.21 -4.12
CA MET A 285 3.15 -4.50 -5.53
C MET A 285 2.49 -3.32 -6.21
N ASP A 286 3.30 -2.42 -6.77
CA ASP A 286 2.77 -1.22 -7.40
C ASP A 286 1.95 -1.41 -8.66
N ALA A 287 0.74 -0.85 -8.64
CA ALA A 287 -0.18 -0.92 -9.76
C ALA A 287 -0.41 -2.34 -10.27
N VAL A 288 -0.83 -3.22 -9.35
CA VAL A 288 -1.12 -4.61 -9.69
C VAL A 288 -2.27 -4.72 -10.68
N ALA A 289 -3.15 -3.71 -10.69
CA ALA A 289 -4.30 -3.73 -11.57
C ALA A 289 -4.03 -3.59 -13.07
N PHE A 290 -2.85 -3.09 -13.43
CA PHE A 290 -2.52 -2.85 -14.84
C PHE A 290 -1.61 -3.87 -15.54
N ILE A 291 -1.14 -4.90 -14.84
CA ILE A 291 -0.21 -5.84 -15.45
C ILE A 291 -0.69 -6.73 -16.59
N TRP A 292 -1.93 -6.56 -17.02
CA TRP A 292 -2.40 -7.35 -18.16
C TRP A 292 -3.29 -6.49 -19.04
N LYS A 293 -3.07 -6.58 -20.36
CA LYS A 293 -3.85 -5.80 -21.30
C LYS A 293 -4.69 -6.69 -22.19
N GLN A 294 -5.82 -6.17 -22.65
CA GLN A 294 -6.70 -6.88 -23.57
C GLN A 294 -7.60 -5.87 -24.26
N MET A 295 -7.46 -5.80 -25.58
CA MET A 295 -8.25 -4.88 -26.39
C MET A 295 -9.73 -5.00 -26.03
N GLY A 296 -10.40 -3.87 -25.91
CA GLY A 296 -11.82 -3.87 -25.60
C GLY A 296 -12.18 -3.86 -24.12
N THR A 297 -11.16 -3.97 -23.26
CA THR A 297 -11.39 -3.95 -21.82
C THR A 297 -10.67 -2.75 -21.24
N SER A 298 -10.90 -2.47 -19.97
CA SER A 298 -10.26 -1.35 -19.31
C SER A 298 -8.78 -1.65 -19.10
N CYS A 299 -8.40 -2.90 -19.29
CA CYS A 299 -7.01 -3.30 -19.09
C CYS A 299 -6.64 -3.09 -17.63
N GLU A 300 -7.62 -3.32 -16.75
CA GLU A 300 -7.42 -3.19 -15.31
C GLU A 300 -8.11 -4.38 -14.66
N ASN A 301 -7.48 -4.93 -13.63
CA ASN A 301 -8.05 -6.05 -12.90
C ASN A 301 -8.44 -7.25 -13.74
N LEU A 302 -7.78 -7.45 -14.88
CA LEU A 302 -8.13 -8.60 -15.71
C LEU A 302 -7.71 -9.89 -15.00
N PRO A 303 -8.39 -11.01 -15.30
CA PRO A 303 -8.09 -12.31 -14.67
C PRO A 303 -6.60 -12.71 -14.66
N GLN A 304 -5.91 -12.52 -15.78
CA GLN A 304 -4.50 -12.89 -15.86
C GLN A 304 -3.63 -12.07 -14.91
N ALA A 305 -4.07 -10.85 -14.59
CA ALA A 305 -3.31 -10.00 -13.68
C ALA A 305 -3.28 -10.66 -12.30
N HIS A 306 -4.43 -11.17 -11.86
CA HIS A 306 -4.54 -11.85 -10.57
C HIS A 306 -3.73 -13.14 -10.60
N ALA A 307 -3.78 -13.84 -11.73
CA ALA A 307 -3.06 -15.10 -11.90
C ALA A 307 -1.56 -14.90 -11.80
N LEU A 308 -1.06 -13.86 -12.46
CA LEU A 308 0.38 -13.57 -12.45
C LEU A 308 0.85 -13.24 -11.02
N ILE A 309 0.05 -12.46 -10.31
CA ILE A 309 0.40 -12.10 -8.94
C ILE A 309 0.40 -13.37 -8.08
N ARG A 310 -0.52 -14.28 -8.36
CA ARG A 310 -0.55 -15.52 -7.59
C ARG A 310 0.64 -16.39 -7.96
N ALA A 311 1.16 -16.22 -9.17
CA ALA A 311 2.34 -17.00 -9.59
C ALA A 311 3.55 -16.46 -8.82
N PHE A 312 3.64 -15.13 -8.72
CA PHE A 312 4.73 -14.49 -7.98
C PHE A 312 4.69 -14.95 -6.52
N ASN A 313 3.49 -15.05 -5.97
CA ASN A 313 3.29 -15.48 -4.60
C ASN A 313 3.88 -16.88 -4.38
N ALA A 314 3.61 -17.78 -5.33
CA ALA A 314 4.13 -19.15 -5.23
C ALA A 314 5.65 -19.16 -5.23
N VAL A 315 6.26 -18.34 -6.08
CA VAL A 315 7.72 -18.29 -6.15
C VAL A 315 8.28 -17.94 -4.77
N MET A 316 7.64 -17.01 -4.08
CA MET A 316 8.10 -16.64 -2.74
C MET A 316 7.86 -17.79 -1.75
N ARG A 317 6.74 -18.49 -1.89
CA ARG A 317 6.44 -19.60 -0.99
C ARG A 317 7.51 -20.70 -1.16
N ILE A 318 8.15 -20.71 -2.33
CA ILE A 318 9.18 -21.70 -2.63
C ILE A 318 10.60 -21.22 -2.33
N ALA A 319 10.94 -20.01 -2.78
CA ALA A 319 12.28 -19.49 -2.59
C ALA A 319 12.52 -18.48 -1.46
N ALA A 320 11.47 -17.95 -0.86
CA ALA A 320 11.63 -16.99 0.23
C ALA A 320 10.29 -16.75 0.93
N PRO A 321 9.82 -17.75 1.68
CA PRO A 321 8.55 -17.73 2.44
C PRO A 321 8.27 -16.50 3.29
N ALA A 322 9.30 -15.83 3.78
CA ALA A 322 9.11 -14.66 4.63
C ALA A 322 8.55 -13.46 3.90
N VAL A 323 8.74 -13.43 2.59
CA VAL A 323 8.29 -12.32 1.77
C VAL A 323 6.81 -12.32 1.42
N PHE A 324 6.09 -11.33 1.95
CA PHE A 324 4.66 -11.16 1.73
C PHE A 324 4.42 -10.00 0.76
N PHE A 325 3.22 -9.95 0.18
CA PHE A 325 2.86 -8.90 -0.76
C PHE A 325 1.82 -7.93 -0.22
N LYS A 326 2.00 -6.65 -0.53
CA LYS A 326 1.06 -5.62 -0.13
C LYS A 326 0.47 -5.03 -1.40
N SER A 327 -0.82 -5.28 -1.62
N SER A 327 -0.79 -5.35 -1.66
CA SER A 327 -1.50 -4.75 -2.79
CA SER A 327 -1.47 -4.88 -2.85
C SER A 327 -1.75 -3.26 -2.54
C SER A 327 -1.77 -3.39 -2.79
N GLN A 328 -1.74 -2.47 -3.61
N GLN A 328 -1.59 -2.73 -3.93
CA GLN A 328 -1.95 -1.03 -3.51
CA GLN A 328 -1.88 -1.31 -4.04
C GLN A 328 -2.99 -0.58 -4.53
C GLN A 328 -2.80 -1.14 -5.24
N ALA A 329 -3.87 -1.48 -4.91
N ALA A 329 -4.08 -1.41 -5.02
CA ALA A 329 -4.91 -1.20 -5.89
CA ALA A 329 -5.09 -1.28 -6.06
C ALA A 329 -5.82 -0.06 -5.44
C ALA A 329 -6.06 -0.17 -5.66
N ILE A 330 -5.86 1.00 -6.24
CA ILE A 330 -6.71 2.14 -5.95
C ILE A 330 -7.77 2.09 -7.04
N VAL A 331 -8.73 1.18 -6.86
CA VAL A 331 -9.79 0.98 -7.84
C VAL A 331 -11.14 0.79 -7.16
N HIS A 332 -12.14 0.35 -7.92
CA HIS A 332 -13.47 0.11 -7.38
C HIS A 332 -13.36 -0.92 -6.26
N PRO A 333 -14.05 -0.69 -5.14
CA PRO A 333 -14.02 -1.59 -4.00
C PRO A 333 -14.23 -3.08 -4.33
N ASP A 334 -15.10 -3.37 -5.30
CA ASP A 334 -15.34 -4.76 -5.67
C ASP A 334 -14.04 -5.35 -6.22
N GLN A 335 -13.24 -4.49 -6.84
CA GLN A 335 -11.98 -4.89 -7.43
C GLN A 335 -10.83 -4.93 -6.44
N VAL A 336 -10.82 -3.97 -5.52
CA VAL A 336 -9.76 -3.89 -4.50
C VAL A 336 -9.59 -5.19 -3.73
N VAL A 337 -10.69 -5.73 -3.23
CA VAL A 337 -10.64 -6.93 -2.42
C VAL A 337 -10.20 -8.21 -3.13
N GLN A 338 -10.35 -8.25 -4.45
CA GLN A 338 -9.97 -9.45 -5.19
C GLN A 338 -8.46 -9.76 -5.22
N TYR A 339 -7.65 -8.75 -4.90
CA TYR A 339 -6.20 -8.91 -4.87
C TYR A 339 -5.72 -9.48 -3.55
N ILE A 340 -6.53 -9.31 -2.51
CA ILE A 340 -6.16 -9.79 -1.19
C ILE A 340 -6.52 -11.25 -0.95
N GLY A 341 -5.48 -12.05 -0.72
CA GLY A 341 -5.67 -13.46 -0.48
C GLY A 341 -4.35 -14.08 -0.06
N GLN A 342 -4.43 -15.12 0.77
CA GLN A 342 -3.22 -15.76 1.22
C GLN A 342 -2.31 -16.17 0.06
N ASP A 343 -2.91 -16.59 -1.06
CA ASP A 343 -2.13 -17.01 -2.22
C ASP A 343 -1.89 -15.91 -3.26
N GLU A 344 -2.33 -14.69 -2.97
CA GLU A 344 -2.12 -13.56 -3.89
C GLU A 344 -1.38 -12.49 -3.09
N CYS A 345 -2.09 -11.46 -2.62
CA CYS A 345 -1.48 -10.42 -1.79
C CYS A 345 -2.07 -10.58 -0.38
N GLN A 346 -1.24 -10.98 0.59
CA GLN A 346 -1.70 -11.20 1.97
C GLN A 346 -2.29 -9.97 2.65
N ILE A 347 -1.85 -8.79 2.23
CA ILE A 347 -2.39 -7.56 2.78
C ILE A 347 -2.53 -6.59 1.63
N GLY A 348 -3.36 -5.56 1.81
CA GLY A 348 -3.53 -4.58 0.75
C GLY A 348 -4.06 -3.28 1.30
N TYR A 349 -3.69 -2.18 0.65
CA TYR A 349 -4.19 -0.88 1.09
C TYR A 349 -5.70 -0.92 1.11
N ASN A 350 -6.28 -0.20 2.06
CA ASN A 350 -7.73 -0.14 2.20
C ASN A 350 -8.13 1.29 1.81
N PRO A 351 -8.06 1.62 0.51
CA PRO A 351 -8.42 2.97 0.04
C PRO A 351 -9.86 3.37 0.35
N LEU A 352 -10.77 2.39 0.41
CA LEU A 352 -12.16 2.71 0.71
C LEU A 352 -12.31 3.33 2.09
N GLN A 353 -11.72 2.71 3.11
CA GLN A 353 -11.82 3.25 4.47
C GLN A 353 -11.17 4.63 4.51
N MET A 354 -9.99 4.74 3.91
CA MET A 354 -9.23 5.99 3.88
C MET A 354 -10.03 7.13 3.26
N ALA A 355 -10.57 6.92 2.06
CA ALA A 355 -11.34 7.94 1.38
C ALA A 355 -12.59 8.35 2.15
N LEU A 356 -13.24 7.38 2.78
CA LEU A 356 -14.46 7.67 3.53
C LEU A 356 -14.18 8.39 4.85
N LEU A 357 -12.97 8.23 5.39
CA LEU A 357 -12.62 8.92 6.62
C LEU A 357 -12.66 10.41 6.28
N TRP A 358 -12.11 10.77 5.12
CA TRP A 358 -12.09 12.15 4.69
C TRP A 358 -13.48 12.60 4.28
N ASN A 359 -14.19 11.71 3.58
CA ASN A 359 -15.56 12.02 3.16
C ASN A 359 -16.39 12.39 4.38
N THR A 360 -16.27 11.59 5.42
CA THR A 360 -17.03 11.81 6.64
C THR A 360 -16.70 13.14 7.32
N LEU A 361 -15.43 13.53 7.36
CA LEU A 361 -15.09 14.81 7.97
C LEU A 361 -15.79 15.96 7.26
N ALA A 362 -15.87 15.87 5.92
CA ALA A 362 -16.49 16.92 5.13
C ALA A 362 -18.01 16.97 5.28
N THR A 363 -18.65 15.80 5.24
CA THR A 363 -20.11 15.74 5.36
C THR A 363 -20.60 15.68 6.80
N ARG A 364 -19.75 15.19 7.70
CA ARG A 364 -20.09 15.03 9.12
C ARG A 364 -21.06 13.85 9.24
N GLU A 365 -21.33 13.19 8.12
CA GLU A 365 -22.25 12.05 8.10
C GLU A 365 -21.48 10.75 7.89
N VAL A 366 -21.66 9.81 8.81
CA VAL A 366 -20.95 8.54 8.75
C VAL A 366 -21.61 7.45 7.89
N ASN A 367 -22.73 7.77 7.25
CA ASN A 367 -23.45 6.80 6.42
C ASN A 367 -22.57 5.90 5.54
N LEU A 368 -21.82 6.50 4.63
CA LEU A 368 -20.94 5.73 3.75
C LEU A 368 -19.90 4.94 4.53
N LEU A 369 -19.29 5.57 5.53
CA LEU A 369 -18.27 4.91 6.34
C LEU A 369 -18.88 3.70 7.05
N HIS A 370 -20.02 3.91 7.70
CA HIS A 370 -20.69 2.82 8.40
C HIS A 370 -20.96 1.67 7.42
N GLN A 371 -21.49 2.02 6.26
CA GLN A 371 -21.80 1.05 5.22
C GLN A 371 -20.57 0.24 4.83
N ALA A 372 -19.45 0.94 4.65
CA ALA A 372 -18.20 0.29 4.26
C ALA A 372 -17.71 -0.66 5.36
N LEU A 373 -17.72 -0.20 6.61
CA LEU A 373 -17.25 -1.02 7.72
C LEU A 373 -18.17 -2.20 7.98
N THR A 374 -19.43 -2.08 7.58
CA THR A 374 -20.40 -3.14 7.78
C THR A 374 -20.33 -4.24 6.73
N TYR A 375 -20.18 -3.84 5.46
CA TYR A 375 -20.17 -4.79 4.35
C TYR A 375 -18.86 -5.08 3.62
N ARG A 376 -17.86 -4.21 3.76
CA ARG A 376 -16.61 -4.41 3.06
C ARG A 376 -15.34 -4.46 3.92
N HIS A 377 -15.48 -4.72 5.21
CA HIS A 377 -14.30 -4.76 6.07
C HIS A 377 -13.66 -6.12 6.30
N ASN A 378 -14.47 -7.09 6.72
CA ASN A 378 -13.96 -8.41 7.02
C ASN A 378 -13.34 -9.07 5.80
N LEU A 379 -12.20 -9.72 6.01
CA LEU A 379 -11.47 -10.37 4.93
C LEU A 379 -11.25 -11.85 5.18
N PRO A 380 -10.92 -12.61 4.13
CA PRO A 380 -10.70 -14.04 4.32
C PRO A 380 -9.53 -14.28 5.28
N GLU A 381 -9.43 -15.49 5.81
CA GLU A 381 -8.38 -15.83 6.76
C GLU A 381 -6.98 -15.56 6.22
N HIS A 382 -6.05 -15.29 7.14
CA HIS A 382 -4.65 -15.05 6.79
C HIS A 382 -4.40 -13.87 5.86
N THR A 383 -5.29 -12.89 5.88
CA THR A 383 -5.13 -11.68 5.08
C THR A 383 -5.52 -10.51 5.95
N ALA A 384 -5.08 -9.32 5.57
CA ALA A 384 -5.40 -8.12 6.35
C ALA A 384 -5.33 -6.85 5.53
N TRP A 385 -6.09 -5.85 5.98
CA TRP A 385 -6.09 -4.56 5.33
C TRP A 385 -4.90 -3.79 5.87
N VAL A 386 -4.45 -2.81 5.09
CA VAL A 386 -3.41 -1.90 5.52
C VAL A 386 -4.24 -0.63 5.55
N ASN A 387 -4.61 -0.19 6.76
CA ASN A 387 -5.43 1.00 6.92
C ASN A 387 -4.54 2.23 7.05
N TYR A 388 -4.91 3.30 6.36
CA TYR A 388 -4.12 4.52 6.42
C TYR A 388 -4.99 5.76 6.36
N VAL A 389 -4.38 6.91 6.63
CA VAL A 389 -5.07 8.19 6.61
C VAL A 389 -4.61 8.99 5.40
N ARG A 390 -3.32 8.92 5.11
CA ARG A 390 -2.74 9.61 3.96
C ARG A 390 -1.54 8.79 3.50
N SER A 391 -1.00 9.15 2.34
CA SER A 391 0.17 8.46 1.80
C SER A 391 0.90 9.46 0.93
N HIS A 392 1.86 8.96 0.16
CA HIS A 392 2.62 9.82 -0.73
C HIS A 392 1.77 10.27 -1.91
N ASP A 393 0.64 9.61 -2.13
CA ASP A 393 -0.25 9.92 -3.24
C ASP A 393 -1.40 10.86 -2.92
N ASP A 394 -2.10 11.21 -3.99
CA ASP A 394 -3.27 12.05 -3.95
C ASP A 394 -4.40 11.19 -3.41
N ILE A 395 -5.49 11.83 -2.99
CA ILE A 395 -6.65 11.12 -2.49
C ILE A 395 -7.67 11.02 -3.61
N GLY A 396 -8.05 9.78 -3.92
CA GLY A 396 -9.06 9.52 -4.93
C GLY A 396 -10.32 9.09 -4.22
N TRP A 397 -11.48 9.50 -4.73
CA TRP A 397 -12.75 9.15 -4.09
C TRP A 397 -13.29 7.83 -4.63
N THR A 398 -12.55 6.77 -4.35
CA THR A 398 -12.90 5.44 -4.83
C THR A 398 -13.96 4.67 -4.05
N PHE A 399 -15.03 5.34 -3.63
CA PHE A 399 -16.11 4.64 -2.95
C PHE A 399 -16.96 4.12 -4.11
N ALA A 400 -17.85 3.18 -3.85
CA ALA A 400 -18.67 2.61 -4.92
C ALA A 400 -19.95 3.41 -5.19
N ASP A 401 -20.20 3.73 -6.46
CA ASP A 401 -21.40 4.46 -6.85
C ASP A 401 -22.64 3.64 -6.51
N GLU A 402 -22.55 2.33 -6.70
CA GLU A 402 -23.66 1.45 -6.41
C GLU A 402 -24.00 1.57 -4.92
N ASP A 403 -22.96 1.56 -4.08
CA ASP A 403 -23.15 1.68 -2.64
C ASP A 403 -23.78 3.03 -2.30
N ALA A 404 -23.22 4.10 -2.88
CA ALA A 404 -23.72 5.43 -2.63
C ALA A 404 -25.18 5.52 -3.08
N ALA A 405 -25.48 4.92 -4.22
CA ALA A 405 -26.83 4.94 -4.78
C ALA A 405 -27.84 4.34 -3.80
N TYR A 406 -27.48 3.23 -3.18
CA TYR A 406 -28.38 2.62 -2.23
C TYR A 406 -28.70 3.59 -1.11
N LEU A 407 -27.80 4.54 -0.86
CA LEU A 407 -28.01 5.53 0.19
C LEU A 407 -28.67 6.80 -0.35
N GLY A 408 -28.93 6.84 -1.65
CA GLY A 408 -29.56 8.01 -2.22
C GLY A 408 -28.55 9.10 -2.52
N ILE A 409 -27.29 8.70 -2.67
CA ILE A 409 -26.22 9.64 -2.97
C ILE A 409 -25.71 9.43 -4.39
N SER A 410 -25.69 10.51 -5.16
CA SER A 410 -25.20 10.48 -6.52
C SER A 410 -23.67 10.55 -6.51
N GLY A 411 -23.02 9.46 -6.91
CA GLY A 411 -21.57 9.42 -6.92
C GLY A 411 -20.89 10.61 -7.56
N TYR A 412 -21.29 10.92 -8.79
CA TYR A 412 -20.70 12.04 -9.52
C TYR A 412 -20.89 13.36 -8.78
N ASP A 413 -22.13 13.70 -8.43
CA ASP A 413 -22.39 14.94 -7.72
C ASP A 413 -21.59 15.02 -6.41
N HIS A 414 -21.55 13.91 -5.68
CA HIS A 414 -20.85 13.86 -4.40
C HIS A 414 -19.34 14.11 -4.52
N ARG A 415 -18.72 13.59 -5.57
CA ARG A 415 -17.29 13.81 -5.74
C ARG A 415 -17.01 15.27 -6.04
N GLN A 416 -17.91 15.92 -6.78
CA GLN A 416 -17.73 17.32 -7.10
C GLN A 416 -17.67 18.07 -5.78
N PHE A 417 -18.58 17.76 -4.87
CA PHE A 417 -18.58 18.40 -3.57
C PHE A 417 -17.28 18.11 -2.82
N LEU A 418 -16.96 16.84 -2.65
CA LEU A 418 -15.73 16.47 -1.93
C LEU A 418 -14.52 17.18 -2.50
N ASN A 419 -14.36 17.17 -3.82
CA ASN A 419 -13.23 17.84 -4.45
C ASN A 419 -13.19 19.33 -4.14
N ARG A 420 -14.31 20.02 -4.31
CA ARG A 420 -14.36 21.45 -4.02
C ARG A 420 -14.07 21.71 -2.55
N PHE A 421 -14.66 20.89 -1.68
CA PHE A 421 -14.48 21.04 -0.25
C PHE A 421 -13.03 20.92 0.18
N PHE A 422 -12.33 19.90 -0.30
CA PHE A 422 -10.96 19.71 0.10
C PHE A 422 -9.92 20.59 -0.56
N VAL A 423 -10.32 21.35 -1.58
CA VAL A 423 -9.39 22.26 -2.22
C VAL A 423 -9.82 23.67 -1.81
N ASN A 424 -10.66 23.73 -0.78
CA ASN A 424 -11.16 24.99 -0.23
C ASN A 424 -11.91 25.86 -1.24
N ARG A 425 -12.85 25.25 -1.96
CA ARG A 425 -13.68 25.97 -2.91
C ARG A 425 -15.12 25.71 -2.52
N PHE A 426 -15.36 25.59 -1.21
CA PHE A 426 -16.69 25.38 -0.67
C PHE A 426 -16.80 26.20 0.61
N ASP A 427 -17.77 27.10 0.65
CA ASP A 427 -17.96 27.97 1.80
C ASP A 427 -17.81 27.30 3.17
N GLY A 428 -16.95 27.86 4.01
CA GLY A 428 -16.75 27.33 5.34
C GLY A 428 -15.78 26.17 5.50
N SER A 429 -15.39 25.57 4.38
CA SER A 429 -14.46 24.44 4.44
C SER A 429 -13.22 24.75 5.28
N PHE A 430 -12.79 23.76 6.04
CA PHE A 430 -11.60 23.91 6.87
C PHE A 430 -10.40 23.30 6.15
N ALA A 431 -10.65 22.66 5.02
CA ALA A 431 -9.60 22.00 4.27
C ALA A 431 -8.77 22.95 3.41
N ARG A 432 -7.47 22.66 3.32
CA ARG A 432 -6.56 23.47 2.54
C ARG A 432 -5.71 22.59 1.63
N GLY A 433 -6.39 21.76 0.84
CA GLY A 433 -5.69 20.88 -0.08
C GLY A 433 -5.57 21.56 -1.43
N VAL A 434 -4.99 20.84 -2.39
CA VAL A 434 -4.82 21.36 -3.74
C VAL A 434 -5.27 20.29 -4.72
N PRO A 435 -5.86 20.71 -5.86
CA PRO A 435 -6.33 19.75 -6.86
C PRO A 435 -5.22 18.96 -7.54
N PHE A 436 -5.56 17.77 -8.01
CA PHE A 436 -4.61 16.93 -8.71
C PHE A 436 -5.29 16.17 -9.85
N GLN A 437 -4.83 16.42 -11.06
CA GLN A 437 -5.35 15.77 -12.26
C GLN A 437 -6.82 16.01 -12.53
N TYR A 438 -7.23 17.28 -12.52
CA TYR A 438 -8.61 17.58 -12.83
C TYR A 438 -8.76 17.17 -14.30
N ASN A 439 -9.76 16.34 -14.59
CA ASN A 439 -9.96 15.90 -15.96
C ASN A 439 -11.21 16.53 -16.58
N PRO A 440 -11.01 17.51 -17.46
CA PRO A 440 -12.09 18.22 -18.14
C PRO A 440 -13.12 17.37 -18.87
N SER A 441 -12.67 16.30 -19.51
CA SER A 441 -13.61 15.46 -20.25
C SER A 441 -14.37 14.42 -19.40
N THR A 442 -14.03 14.31 -18.12
CA THR A 442 -14.69 13.37 -17.22
C THR A 442 -15.27 14.03 -15.96
N GLY A 443 -14.64 15.11 -15.50
CA GLY A 443 -15.10 15.77 -14.30
C GLY A 443 -14.41 15.22 -13.06
N ASP A 444 -13.60 14.18 -13.26
CA ASP A 444 -12.87 13.56 -12.16
C ASP A 444 -11.69 14.41 -11.70
N CYS A 445 -11.45 14.40 -10.39
CA CYS A 445 -10.35 15.16 -9.83
C CYS A 445 -9.93 14.51 -8.53
N ARG A 446 -8.66 14.64 -8.18
CA ARG A 446 -8.17 14.06 -6.95
C ARG A 446 -7.64 15.17 -6.05
N VAL A 447 -7.28 14.83 -4.82
CA VAL A 447 -6.81 15.83 -3.88
C VAL A 447 -5.44 15.58 -3.29
N SER A 448 -4.63 16.63 -3.25
CA SER A 448 -3.30 16.57 -2.67
C SER A 448 -3.28 17.43 -1.42
N GLY A 449 -2.41 17.08 -0.47
CA GLY A 449 -2.30 17.83 0.76
C GLY A 449 -2.05 16.87 1.91
N THR A 450 -1.34 17.32 2.93
CA THR A 450 -1.04 16.48 4.09
C THR A 450 -2.28 16.40 4.96
N ALA A 451 -2.28 15.43 5.88
CA ALA A 451 -3.41 15.26 6.78
C ALA A 451 -3.71 16.54 7.53
N ALA A 452 -2.68 17.18 8.06
CA ALA A 452 -2.82 18.42 8.82
C ALA A 452 -3.41 19.56 7.99
N ALA A 453 -3.00 19.64 6.73
CA ALA A 453 -3.48 20.69 5.83
C ALA A 453 -4.96 20.49 5.51
N LEU A 454 -5.35 19.24 5.37
CA LEU A 454 -6.73 18.89 5.05
C LEU A 454 -7.69 19.04 6.22
N VAL A 455 -7.18 19.03 7.45
CA VAL A 455 -8.03 19.18 8.63
C VAL A 455 -8.07 20.63 9.10
N GLY A 456 -7.24 21.47 8.49
CA GLY A 456 -7.23 22.88 8.85
C GLY A 456 -6.17 23.35 9.81
N LEU A 457 -5.17 22.52 10.09
CA LEU A 457 -4.12 22.92 11.02
C LEU A 457 -3.29 24.08 10.46
N ALA A 458 -3.33 24.28 9.16
CA ALA A 458 -2.57 25.37 8.53
C ALA A 458 -3.05 26.74 9.00
N GLN A 459 -4.36 26.90 9.16
CA GLN A 459 -4.92 28.18 9.62
C GLN A 459 -5.22 28.11 11.12
N ASP A 460 -4.66 27.09 11.77
CA ASP A 460 -4.81 26.91 13.21
C ASP A 460 -6.25 26.66 13.66
N ASP A 461 -6.99 25.86 12.91
CA ASP A 461 -8.35 25.54 13.27
C ASP A 461 -8.30 24.81 14.61
N PRO A 462 -9.04 25.30 15.61
CA PRO A 462 -9.03 24.65 16.93
C PRO A 462 -9.50 23.19 16.93
N HIS A 463 -10.10 22.74 15.83
CA HIS A 463 -10.57 21.36 15.74
C HIS A 463 -9.57 20.47 15.00
N ALA A 464 -8.63 21.10 14.30
CA ALA A 464 -7.63 20.38 13.52
C ALA A 464 -6.97 19.20 14.23
N VAL A 465 -6.37 19.45 15.39
CA VAL A 465 -5.71 18.40 16.14
C VAL A 465 -6.61 17.19 16.44
N ASP A 466 -7.81 17.46 16.94
CA ASP A 466 -8.73 16.38 17.24
C ASP A 466 -9.17 15.61 15.99
N ARG A 467 -9.24 16.32 14.86
CA ARG A 467 -9.62 15.68 13.60
C ARG A 467 -8.57 14.63 13.27
N ILE A 468 -7.31 15.02 13.36
CA ILE A 468 -6.20 14.11 13.07
C ILE A 468 -6.26 12.88 13.98
N LYS A 469 -6.49 13.09 15.28
CA LYS A 469 -6.56 11.97 16.21
C LYS A 469 -7.74 11.05 15.91
N LEU A 470 -8.87 11.63 15.50
CA LEU A 470 -10.05 10.85 15.17
C LEU A 470 -9.79 9.94 13.98
N LEU A 471 -9.26 10.51 12.90
CA LEU A 471 -8.99 9.71 11.70
C LEU A 471 -8.03 8.57 11.97
N TYR A 472 -6.94 8.85 12.65
CA TYR A 472 -5.96 7.80 12.95
C TYR A 472 -6.49 6.75 13.93
N SER A 473 -7.42 7.16 14.80
CA SER A 473 -7.98 6.20 15.75
C SER A 473 -8.76 5.13 15.01
N ILE A 474 -9.34 5.49 13.87
CA ILE A 474 -10.12 4.54 13.08
C ILE A 474 -9.18 3.54 12.40
N ALA A 475 -8.10 4.06 11.83
CA ALA A 475 -7.12 3.21 11.15
C ALA A 475 -6.39 2.32 12.14
N LEU A 476 -6.21 2.82 13.36
CA LEU A 476 -5.50 2.05 14.38
C LEU A 476 -6.34 1.01 15.10
N SER A 477 -7.66 1.08 14.99
CA SER A 477 -8.49 0.15 15.74
C SER A 477 -9.52 -0.68 15.00
N THR A 478 -9.77 -0.38 13.73
CA THR A 478 -10.78 -1.14 12.99
C THR A 478 -10.38 -2.59 12.70
N GLY A 479 -9.08 -2.87 12.69
CA GLY A 479 -8.61 -4.21 12.41
C GLY A 479 -7.82 -4.20 11.12
N GLY A 480 -6.53 -4.50 11.23
CA GLY A 480 -5.65 -4.48 10.07
C GLY A 480 -4.36 -3.79 10.50
N LEU A 481 -3.38 -3.72 9.60
CA LEU A 481 -2.10 -3.09 9.92
C LEU A 481 -2.15 -1.62 9.55
N PRO A 482 -2.13 -0.73 10.56
CA PRO A 482 -2.18 0.73 10.35
C PRO A 482 -0.85 1.26 9.85
N LEU A 483 -0.90 2.08 8.82
CA LEU A 483 0.32 2.66 8.24
C LEU A 483 0.31 4.17 8.36
N ILE A 484 1.18 4.69 9.22
CA ILE A 484 1.26 6.12 9.45
C ILE A 484 2.16 6.83 8.45
N TYR A 485 1.67 7.94 7.88
CA TYR A 485 2.48 8.70 6.95
C TYR A 485 3.35 9.55 7.87
N LEU A 486 4.60 9.14 8.04
CA LEU A 486 5.52 9.85 8.92
C LEU A 486 5.52 11.35 8.63
N GLY A 487 5.36 12.12 9.70
CA GLY A 487 5.29 13.56 9.58
C GLY A 487 3.92 13.96 10.07
N ASP A 488 2.97 13.03 9.96
CA ASP A 488 1.59 13.26 10.39
C ASP A 488 1.49 13.32 11.92
N GLU A 489 2.31 12.53 12.60
CA GLU A 489 2.28 12.48 14.06
C GLU A 489 2.69 13.79 14.74
N VAL A 490 3.16 14.76 13.95
CA VAL A 490 3.55 16.05 14.49
C VAL A 490 2.87 17.21 13.74
N GLY A 491 1.85 16.87 12.96
CA GLY A 491 1.11 17.87 12.21
C GLY A 491 1.85 18.60 11.11
N THR A 492 2.68 17.88 10.35
CA THR A 492 3.45 18.48 9.28
C THR A 492 2.55 19.04 8.18
N LEU A 493 2.82 20.27 7.76
CA LEU A 493 2.03 20.93 6.74
C LEU A 493 2.59 20.71 5.33
N ASN A 494 1.87 21.22 4.33
CA ASN A 494 2.30 21.06 2.95
C ASN A 494 3.64 21.72 2.70
N ASP A 495 4.36 21.22 1.70
CA ASP A 495 5.65 21.76 1.31
C ASP A 495 5.32 23.13 0.71
N ASP A 496 6.18 24.12 0.96
CA ASP A 496 5.93 25.48 0.48
C ASP A 496 6.76 25.87 -0.74
N ASP A 497 7.49 24.92 -1.31
CA ASP A 497 8.35 25.23 -2.45
C ASP A 497 8.03 24.47 -3.74
N TRP A 498 7.39 23.32 -3.64
CA TRP A 498 7.08 22.49 -4.80
C TRP A 498 6.52 23.20 -6.04
N SER A 499 5.51 24.05 -5.86
CA SER A 499 4.89 24.74 -7.00
C SER A 499 5.84 25.56 -7.85
N GLN A 500 6.99 25.93 -7.31
CA GLN A 500 7.95 26.72 -8.07
C GLN A 500 9.17 25.93 -8.52
N ASP A 501 9.22 24.66 -8.12
CA ASP A 501 10.32 23.76 -8.51
C ASP A 501 9.88 23.19 -9.86
N SER A 502 10.61 23.53 -10.92
CA SER A 502 10.26 23.07 -12.25
C SER A 502 10.11 21.56 -12.42
N ASN A 503 10.73 20.77 -11.55
CA ASN A 503 10.62 19.32 -11.67
C ASN A 503 9.45 18.76 -10.87
N LYS A 504 8.73 19.65 -10.18
CA LYS A 504 7.62 19.23 -9.35
C LYS A 504 6.32 19.99 -9.61
N SER A 505 6.44 21.22 -10.09
CA SER A 505 5.28 22.08 -10.31
C SER A 505 4.09 21.53 -11.10
N ASP A 506 4.29 20.46 -11.87
CA ASP A 506 3.19 19.90 -12.64
C ASP A 506 2.59 18.66 -11.96
N ASP A 507 3.01 18.40 -10.74
CA ASP A 507 2.52 17.25 -9.96
C ASP A 507 2.26 17.75 -8.54
N SER A 508 1.02 18.15 -8.27
CA SER A 508 0.63 18.69 -6.97
C SER A 508 0.87 17.75 -5.79
N ARG A 509 1.10 16.47 -6.07
CA ARG A 509 1.33 15.53 -4.98
C ARG A 509 2.53 15.96 -4.12
N TRP A 510 3.48 16.67 -4.72
CA TRP A 510 4.64 17.11 -3.96
C TRP A 510 4.24 18.07 -2.85
N ALA A 511 3.02 18.61 -2.94
CA ALA A 511 2.54 19.52 -1.91
C ALA A 511 2.44 18.78 -0.58
N HIS A 512 2.16 17.48 -0.65
CA HIS A 512 2.06 16.68 0.58
C HIS A 512 3.26 15.77 0.81
N ARG A 513 4.40 16.13 0.22
CA ARG A 513 5.62 15.35 0.41
C ARG A 513 6.67 16.28 1.01
N PRO A 514 6.38 16.84 2.21
CA PRO A 514 7.31 17.75 2.88
C PRO A 514 8.48 17.02 3.50
N ARG A 515 9.54 17.76 3.81
CA ARG A 515 10.72 17.17 4.42
C ARG A 515 10.52 17.09 5.93
N TYR A 516 11.43 16.38 6.59
CA TYR A 516 11.40 16.23 8.04
C TYR A 516 11.42 17.64 8.65
N ASN A 517 10.43 17.95 9.46
CA ASN A 517 10.37 19.27 10.08
C ASN A 517 10.97 19.24 11.48
N GLU A 518 12.24 19.66 11.57
CA GLU A 518 12.96 19.68 12.85
C GLU A 518 12.18 20.39 13.96
N ALA A 519 11.62 21.55 13.62
CA ALA A 519 10.85 22.35 14.58
C ALA A 519 9.66 21.62 15.20
N LEU A 520 8.89 20.92 14.39
CA LEU A 520 7.73 20.20 14.88
C LEU A 520 8.14 18.99 15.72
N TYR A 521 9.12 18.24 15.24
CA TYR A 521 9.57 17.08 15.98
C TYR A 521 10.17 17.44 17.32
N ALA A 522 10.73 18.64 17.42
CA ALA A 522 11.32 19.12 18.65
C ALA A 522 10.24 19.44 19.68
N GLN A 523 9.01 19.60 19.21
CA GLN A 523 7.88 19.92 20.07
C GLN A 523 7.01 18.71 20.38
N ARG A 524 7.39 17.53 19.88
CA ARG A 524 6.56 16.36 20.07
C ARG A 524 6.26 15.97 21.52
N ASN A 525 7.02 16.53 22.47
CA ASN A 525 6.79 16.22 23.87
C ASN A 525 6.22 17.40 24.66
N ASP A 526 5.90 18.48 23.95
CA ASP A 526 5.33 19.67 24.58
C ASP A 526 3.81 19.62 24.40
N PRO A 527 3.07 19.31 25.48
CA PRO A 527 1.61 19.22 25.41
C PRO A 527 0.93 20.54 25.06
N SER A 528 1.69 21.62 25.07
CA SER A 528 1.15 22.94 24.76
C SER A 528 1.19 23.27 23.27
N THR A 529 1.82 22.39 22.48
CA THR A 529 1.91 22.62 21.04
C THR A 529 1.05 21.62 20.28
N ALA A 530 0.68 21.96 19.04
CA ALA A 530 -0.13 21.07 18.23
C ALA A 530 0.66 19.79 17.96
N ALA A 531 1.97 19.93 17.76
CA ALA A 531 2.81 18.77 17.50
C ALA A 531 2.78 17.79 18.66
N GLY A 532 2.95 18.30 19.88
CA GLY A 532 2.93 17.44 21.05
C GLY A 532 1.55 16.83 21.27
N GLN A 533 0.52 17.62 21.03
CA GLN A 533 -0.84 17.14 21.20
C GLN A 533 -1.10 15.99 20.23
N ILE A 534 -0.71 16.18 18.98
CA ILE A 534 -0.88 15.15 17.97
C ILE A 534 -0.04 13.92 18.29
N TYR A 535 1.25 14.14 18.53
CA TYR A 535 2.16 13.03 18.85
C TYR A 535 1.70 12.22 20.06
N GLN A 536 1.48 12.89 21.18
CA GLN A 536 1.07 12.22 22.39
C GLN A 536 -0.27 11.52 22.22
N GLY A 537 -1.17 12.14 21.44
CA GLY A 537 -2.47 11.55 21.21
C GLY A 537 -2.33 10.25 20.44
N LEU A 538 -1.61 10.31 19.32
CA LEU A 538 -1.39 9.14 18.49
C LEU A 538 -0.57 8.07 19.21
N ARG A 539 0.50 8.49 19.90
CA ARG A 539 1.35 7.54 20.60
C ARG A 539 0.55 6.77 21.65
N HIS A 540 -0.36 7.46 22.33
CA HIS A 540 -1.17 6.82 23.34
C HIS A 540 -2.04 5.74 22.68
N MET A 541 -2.65 6.09 21.55
CA MET A 541 -3.49 5.13 20.85
C MET A 541 -2.62 3.96 20.40
N ILE A 542 -1.41 4.26 19.95
CA ILE A 542 -0.49 3.22 19.52
C ILE A 542 -0.15 2.29 20.69
N ALA A 543 0.13 2.88 21.85
CA ALA A 543 0.45 2.11 23.04
C ALA A 543 -0.71 1.19 23.41
N VAL A 544 -1.93 1.72 23.39
CA VAL A 544 -3.11 0.93 23.73
C VAL A 544 -3.33 -0.20 22.72
N ARG A 545 -3.30 0.13 21.44
CA ARG A 545 -3.51 -0.87 20.39
C ARG A 545 -2.55 -2.05 20.51
N GLN A 546 -1.29 -1.76 20.76
CA GLN A 546 -0.27 -2.80 20.86
C GLN A 546 -0.26 -3.59 22.17
N SER A 547 -0.83 -3.03 23.24
CA SER A 547 -0.82 -3.72 24.51
C SER A 547 -2.13 -4.44 24.84
N ASN A 548 -3.23 -3.93 24.30
CA ASN A 548 -4.55 -4.49 24.56
C ASN A 548 -4.94 -5.53 23.50
N PRO A 549 -5.10 -6.80 23.90
CA PRO A 549 -5.48 -7.86 22.97
C PRO A 549 -6.86 -7.74 22.35
N ARG A 550 -7.68 -6.84 22.88
CA ARG A 550 -9.02 -6.65 22.34
C ARG A 550 -9.00 -6.06 20.92
N PHE A 551 -7.85 -5.58 20.47
CA PHE A 551 -7.71 -5.01 19.14
C PHE A 551 -7.12 -6.00 18.13
N ASP A 552 -6.74 -7.18 18.60
CA ASP A 552 -6.14 -8.20 17.75
C ASP A 552 -7.08 -8.68 16.64
N GLY A 553 -6.49 -9.10 15.52
CA GLY A 553 -7.29 -9.58 14.41
C GLY A 553 -7.78 -8.46 13.51
N GLY A 554 -8.46 -8.82 12.42
CA GLY A 554 -8.95 -7.81 11.50
C GLY A 554 -10.45 -7.75 11.36
N ARG A 555 -11.18 -8.51 12.19
CA ARG A 555 -12.64 -8.53 12.10
C ARG A 555 -13.31 -7.51 13.01
N LEU A 556 -14.44 -6.98 12.55
CA LEU A 556 -15.22 -6.02 13.34
C LEU A 556 -16.69 -6.15 13.02
N VAL A 557 -17.51 -5.71 13.96
CA VAL A 557 -18.96 -5.71 13.81
C VAL A 557 -19.34 -4.27 14.08
N THR A 558 -20.07 -3.65 13.16
CA THR A 558 -20.46 -2.27 13.38
C THR A 558 -21.59 -2.17 14.40
N PHE A 559 -21.69 -1.04 15.07
CA PHE A 559 -22.71 -0.80 16.08
C PHE A 559 -23.52 0.40 15.62
N ASN A 560 -24.83 0.23 15.50
CA ASN A 560 -25.70 1.32 15.06
C ASN A 560 -25.83 2.29 16.22
N THR A 561 -25.24 3.48 16.07
CA THR A 561 -25.27 4.50 17.11
C THR A 561 -26.55 5.31 17.15
N ASN A 562 -27.32 5.23 16.07
CA ASN A 562 -28.55 5.99 15.91
C ASN A 562 -28.33 7.50 15.90
N ASN A 563 -27.09 7.88 15.63
CA ASN A 563 -26.71 9.28 15.52
C ASN A 563 -25.88 9.35 14.25
N LYS A 564 -26.43 9.97 13.21
CA LYS A 564 -25.77 10.05 11.91
C LYS A 564 -24.36 10.63 11.90
N HIS A 565 -23.94 11.24 13.00
CA HIS A 565 -22.61 11.84 13.08
C HIS A 565 -21.61 10.96 13.82
N ILE A 566 -22.11 9.90 14.47
CA ILE A 566 -21.23 9.03 15.24
C ILE A 566 -21.08 7.63 14.68
N ILE A 567 -19.83 7.24 14.43
CA ILE A 567 -19.54 5.92 13.91
C ILE A 567 -19.34 5.01 15.11
N GLY A 568 -19.69 3.74 14.95
CA GLY A 568 -19.53 2.80 16.04
C GLY A 568 -19.28 1.39 15.54
N TYR A 569 -18.37 0.69 16.21
CA TYR A 569 -18.05 -0.68 15.86
C TYR A 569 -17.46 -1.38 17.06
N ILE A 570 -17.47 -2.71 17.02
CA ILE A 570 -16.95 -3.50 18.13
C ILE A 570 -15.87 -4.47 17.69
N ARG A 571 -14.77 -4.48 18.44
CA ARG A 571 -13.67 -5.39 18.15
C ARG A 571 -13.72 -6.55 19.12
N ASN A 572 -13.63 -7.77 18.60
CA ASN A 572 -13.63 -8.98 19.42
C ASN A 572 -14.70 -9.03 20.51
N ASN A 573 -15.82 -8.35 20.29
CA ASN A 573 -16.91 -8.33 21.26
C ASN A 573 -16.45 -7.87 22.63
N ALA A 574 -15.43 -7.01 22.67
CA ALA A 574 -14.91 -6.52 23.95
C ALA A 574 -14.50 -5.05 23.91
N LEU A 575 -14.40 -4.48 22.72
CA LEU A 575 -14.00 -3.08 22.57
C LEU A 575 -15.01 -2.31 21.70
N LEU A 576 -15.75 -1.42 22.34
CA LEU A 576 -16.74 -0.61 21.64
C LEU A 576 -16.17 0.77 21.38
N ALA A 577 -15.94 1.08 20.11
CA ALA A 577 -15.36 2.36 19.74
C ALA A 577 -16.40 3.31 19.16
N PHE A 578 -16.35 4.56 19.60
CA PHE A 578 -17.26 5.58 19.10
C PHE A 578 -16.44 6.73 18.54
N GLY A 579 -16.88 7.27 17.41
CA GLY A 579 -16.17 8.39 16.80
C GLY A 579 -17.15 9.44 16.34
N ASN A 580 -17.03 10.65 16.88
CA ASN A 580 -17.93 11.74 16.52
C ASN A 580 -17.28 12.61 15.45
N PHE A 581 -17.84 12.57 14.25
CA PHE A 581 -17.33 13.35 13.12
C PHE A 581 -17.97 14.72 12.99
N SER A 582 -18.69 15.13 14.01
CA SER A 582 -19.35 16.43 14.01
C SER A 582 -18.48 17.42 14.76
N GLU A 583 -18.51 18.69 14.36
CA GLU A 583 -17.72 19.69 15.08
C GLU A 583 -18.51 20.16 16.30
N TYR A 584 -19.65 19.51 16.53
CA TYR A 584 -20.51 19.84 17.67
C TYR A 584 -20.67 18.60 18.54
N PRO A 585 -21.03 18.78 19.82
CA PRO A 585 -21.20 17.59 20.66
C PRO A 585 -22.34 16.72 20.12
N GLN A 586 -22.15 15.40 20.14
CA GLN A 586 -23.17 14.49 19.65
C GLN A 586 -23.46 13.42 20.69
N THR A 587 -24.71 13.00 20.75
CA THR A 587 -25.13 12.02 21.74
C THR A 587 -25.55 10.64 21.24
N VAL A 588 -25.24 9.63 22.05
CA VAL A 588 -25.66 8.25 21.79
C VAL A 588 -26.60 8.05 22.99
N THR A 589 -27.89 7.91 22.73
CA THR A 589 -28.88 7.78 23.81
C THR A 589 -28.71 6.54 24.68
N ALA A 590 -29.22 6.64 25.90
CA ALA A 590 -29.16 5.52 26.84
C ALA A 590 -29.99 4.39 26.25
N HIS A 591 -31.04 4.75 25.51
CA HIS A 591 -31.89 3.76 24.90
C HIS A 591 -31.09 2.89 23.93
N THR A 592 -30.22 3.52 23.17
CA THR A 592 -29.39 2.81 22.21
C THR A 592 -28.38 1.90 22.90
N LEU A 593 -27.94 2.32 24.09
CA LEU A 593 -26.94 1.57 24.85
C LEU A 593 -27.46 0.56 25.87
N GLN A 594 -28.76 0.27 25.86
CA GLN A 594 -29.36 -0.65 26.82
C GLN A 594 -28.75 -2.05 26.93
N ALA A 595 -28.26 -2.60 25.83
CA ALA A 595 -27.68 -3.93 25.86
C ALA A 595 -26.22 -3.96 26.29
N MET A 596 -25.65 -2.79 26.53
CA MET A 596 -24.26 -2.66 26.94
C MET A 596 -24.10 -2.69 28.45
N PRO A 597 -22.88 -2.97 28.94
CA PRO A 597 -22.63 -3.00 30.39
C PRO A 597 -22.99 -1.64 30.99
N PHE A 598 -23.43 -1.62 32.24
CA PHE A 598 -23.80 -0.37 32.88
C PHE A 598 -22.64 0.64 32.90
N LYS A 599 -21.43 0.12 33.05
CA LYS A 599 -20.24 0.97 33.07
C LYS A 599 -19.18 0.33 32.18
N ALA A 600 -18.25 1.16 31.72
CA ALA A 600 -17.17 0.68 30.87
C ALA A 600 -16.04 1.69 30.91
N HIS A 601 -14.81 1.18 30.94
CA HIS A 601 -13.63 2.03 30.98
C HIS A 601 -13.28 2.51 29.56
N ASP A 602 -13.00 3.80 29.43
CA ASP A 602 -12.61 4.36 28.13
C ASP A 602 -11.10 4.51 28.07
N LEU A 603 -10.46 3.71 27.22
CA LEU A 603 -9.01 3.72 27.06
C LEU A 603 -8.44 5.02 26.51
N ILE A 604 -9.27 5.82 25.84
CA ILE A 604 -8.78 7.08 25.30
C ILE A 604 -8.63 8.11 26.40
N GLY A 605 -9.74 8.43 27.07
CA GLY A 605 -9.71 9.41 28.13
C GLY A 605 -9.29 8.84 29.48
N GLY A 606 -9.34 7.51 29.60
CA GLY A 606 -8.94 6.86 30.84
C GLY A 606 -9.98 6.93 31.96
N LYS A 607 -11.17 7.41 31.65
CA LYS A 607 -12.22 7.52 32.66
C LYS A 607 -13.24 6.38 32.53
N THR A 608 -14.06 6.23 33.56
CA THR A 608 -15.10 5.21 33.53
C THR A 608 -16.36 5.94 33.07
N VAL A 609 -17.06 5.35 32.12
CA VAL A 609 -18.25 5.98 31.59
C VAL A 609 -19.49 5.13 31.83
N SER A 610 -20.59 5.79 32.16
CA SER A 610 -21.86 5.11 32.40
C SER A 610 -22.58 4.96 31.06
N LEU A 611 -22.95 3.74 30.71
CA LEU A 611 -23.65 3.51 29.46
C LEU A 611 -25.15 3.37 29.69
N ASN A 612 -25.56 3.48 30.96
CA ASN A 612 -26.97 3.38 31.29
C ASN A 612 -27.57 4.78 31.34
N GLN A 613 -26.93 5.70 30.63
CA GLN A 613 -27.38 7.09 30.53
C GLN A 613 -26.87 7.65 29.21
N ASP A 614 -27.49 8.72 28.73
CA ASP A 614 -27.08 9.32 27.47
C ASP A 614 -25.57 9.59 27.44
N LEU A 615 -24.90 9.10 26.41
CA LEU A 615 -23.46 9.31 26.27
C LEU A 615 -23.22 10.42 25.25
N THR A 616 -22.78 11.56 25.75
CA THR A 616 -22.51 12.71 24.88
C THR A 616 -21.03 12.80 24.59
N LEU A 617 -20.71 12.83 23.29
CA LEU A 617 -19.31 12.94 22.87
C LEU A 617 -19.03 14.38 22.47
N GLN A 618 -17.89 14.90 22.91
CA GLN A 618 -17.52 16.26 22.55
C GLN A 618 -17.17 16.25 21.07
N PRO A 619 -17.04 17.43 20.45
CA PRO A 619 -16.70 17.43 19.02
C PRO A 619 -15.44 16.62 18.69
N TYR A 620 -15.58 15.75 17.69
CA TYR A 620 -14.47 14.92 17.23
C TYR A 620 -13.89 13.98 18.29
N GLN A 621 -14.61 13.79 19.38
CA GLN A 621 -14.12 12.91 20.43
C GLN A 621 -14.14 11.45 20.02
N VAL A 622 -13.17 10.70 20.53
CA VAL A 622 -13.04 9.28 20.27
C VAL A 622 -13.09 8.52 21.59
N MET A 623 -13.83 7.43 21.62
CA MET A 623 -13.95 6.61 22.82
C MET A 623 -13.72 5.14 22.48
N TRP A 624 -12.87 4.49 23.28
CA TRP A 624 -12.56 3.08 23.11
C TRP A 624 -12.99 2.39 24.40
N LEU A 625 -14.25 1.95 24.42
CA LEU A 625 -14.84 1.33 25.59
C LEU A 625 -14.64 -0.17 25.72
N GLU A 626 -14.08 -0.60 26.85
CA GLU A 626 -13.89 -2.01 27.10
C GLU A 626 -15.23 -2.51 27.65
N ILE A 627 -15.93 -3.30 26.85
CA ILE A 627 -17.21 -3.84 27.28
C ILE A 627 -17.07 -5.31 27.63
N ALA A 628 -15.83 -5.79 27.64
CA ALA A 628 -15.53 -7.18 27.98
C ALA A 628 -14.03 -7.36 28.19
C1 GLC B . -27.61 17.73 -5.47
C2 GLC B . -26.49 16.68 -5.57
C3 GLC B . -25.87 16.41 -4.20
C4 GLC B . -25.45 17.71 -3.53
C5 GLC B . -26.67 18.63 -3.46
C6 GLC B . -26.37 19.96 -2.80
O1 GLC B . -28.68 17.21 -4.75
O2 GLC B . -27.01 15.47 -6.11
O3 GLC B . -24.75 15.56 -4.35
O4 GLC B . -24.94 17.44 -2.21
O5 GLC B . -27.15 18.90 -4.80
O6 GLC B . -25.28 20.61 -3.44
C1 GLC B . -23.55 17.54 -2.07
C2 GLC B . -23.02 16.34 -1.27
C3 GLC B . -23.54 16.41 0.17
C4 GLC B . -23.18 17.75 0.80
C5 GLC B . -23.67 18.91 -0.08
C6 GLC B . -23.19 20.26 0.43
O2 GLC B . -23.45 15.14 -1.88
O3 GLC B . -22.96 15.36 0.93
O4 GLC B . -23.81 17.85 2.08
O5 GLC B . -23.16 18.76 -1.43
O6 GLC B . -23.81 21.32 -0.28
C1 GLC B . -23.05 17.37 3.15
C2 GLC B . -23.97 17.04 4.32
C3 GLC B . -24.58 18.33 4.87
C4 GLC B . -23.47 19.31 5.26
C5 GLC B . -22.56 19.56 4.05
C6 GLC B . -21.37 20.45 4.35
O2 GLC B . -25.01 16.19 3.87
O3 GLC B . -25.39 18.04 6.00
O4 GLC B . -24.06 20.55 5.69
O5 GLC B . -22.05 18.30 3.55
O6 GLC B . -20.58 19.94 5.42
C1 GLC B . -24.40 20.62 7.05
C2 GLC B . -25.45 21.70 7.27
C3 GLC B . -24.84 23.07 6.99
C4 GLC B . -23.57 23.28 7.83
C5 GLC B . -22.60 22.11 7.64
C6 GLC B . -21.39 22.17 8.56
O2 GLC B . -26.56 21.46 6.40
O3 GLC B . -25.80 24.08 7.27
O4 GLC B . -22.94 24.50 7.44
O5 GLC B . -23.27 20.86 7.88
O6 GLC B . -21.69 21.69 9.86
C1 GLC C . -33.36 -1.06 20.58
C2 GLC C . -32.68 -0.07 19.61
C3 GLC C . -31.39 -0.66 19.03
C4 GLC C . -30.48 -1.23 20.13
C5 GLC C . -31.28 -2.18 21.04
C6 GLC C . -30.47 -2.71 22.21
O1 GLC C . -33.80 -2.17 19.89
O2 GLC C . -33.57 0.25 18.55
O3 GLC C . -30.69 0.33 18.31
O4 GLC C . -29.39 -1.95 19.53
O5 GLC C . -32.43 -1.48 21.59
O6 GLC C . -30.88 -4.02 22.56
C1 GLC C . -28.10 -1.57 19.94
C2 GLC C . -27.28 -1.09 18.73
C3 GLC C . -26.99 -2.28 17.79
C4 GLC C . -26.35 -3.43 18.56
C5 GLC C . -27.18 -3.79 19.79
C6 GLC C . -26.53 -4.83 20.69
O2 GLC C . -27.99 -0.08 18.03
O3 GLC C . -26.14 -1.86 16.74
O4 GLC C . -26.24 -4.59 17.69
O5 GLC C . -27.41 -2.63 20.61
O6 GLC C . -25.18 -4.47 20.98
C1 GLC C . -25.02 -4.71 17.01
C2 GLC C . -25.25 -5.33 15.62
C3 GLC C . -25.63 -6.81 15.75
C4 GLC C . -24.61 -7.56 16.60
C5 GLC C . -24.41 -6.86 17.95
C6 GLC C . -23.32 -7.50 18.79
O2 GLC C . -26.27 -4.62 14.94
O3 GLC C . -25.72 -7.39 14.47
O4 GLC C . -25.05 -8.89 16.81
O5 GLC C . -24.05 -5.47 17.75
O6 GLC C . -22.05 -6.88 18.57
C1 GLC D . 0.83 4.14 -7.66
C2 GLC D . 1.81 4.92 -6.74
C3 GLC D . 2.07 6.34 -7.35
C4 GLC D . 2.71 6.15 -8.68
C5 GLC D . 1.81 5.36 -9.61
C6 GLC D . 2.49 5.11 -10.92
O2 GLC D . 1.22 4.98 -5.45
O3 GLC D . 2.95 7.07 -6.50
O4 GLC D . 2.98 7.46 -9.30
O5 GLC D . 1.48 4.08 -9.00
O6 GLC D . 3.59 4.20 -10.73
C1 FRU D . -1.65 3.46 -9.31
C2 FRU D . -1.53 4.83 -8.62
C3 FRU D . -2.82 5.30 -7.85
C4 FRU D . -3.44 6.36 -8.77
C5 FRU D . -2.21 6.92 -9.51
C6 FRU D . -1.53 8.13 -8.92
O1 FRU D . -1.91 2.47 -8.31
O2 FRU D . -0.43 4.90 -7.61
O3 FRU D . -2.53 5.81 -6.54
O4 FRU D . -4.37 5.77 -9.68
O5 FRU D . -1.28 5.82 -9.58
O6 FRU D . -2.40 9.22 -8.80
#